data_5KGN
#
_entry.id   5KGN
#
_cell.length_a   73.782
_cell.length_b   75.832
_cell.length_c   101.420
_cell.angle_alpha   90.00
_cell.angle_beta   95.66
_cell.angle_gamma   90.00
#
_symmetry.space_group_name_H-M   'P 1 2 1'
#
loop_
_entity.id
_entity.type
_entity.pdbx_description
1 polymer '2,3-bisphosphoglycerate-independent phosphoglycerate mutase'
2 polymer 'macrocyclic peptide inhibitor'
3 non-polymer 'CHLORIDE ION'
4 non-polymer GLYCEROL
5 non-polymer 'MAGNESIUM ION'
6 non-polymer 'MANGANESE (II) ION'
7 non-polymer 'ZINC ION'
8 water water
#
loop_
_entity_poly.entity_id
_entity_poly.type
_entity_poly.pdbx_seq_one_letter_code
_entity_poly.pdbx_strand_id
1 'polypeptide(L)'
;MAMANNSSVANKVCLIVIDGWGVSEDPYGNAILNAQTPVMDKLCSGNWAQIEAHGLHVGLPEGLMGNSEVGHLNIGAGRV
IYQDIVRINLAVKNNKFVTNESLVDACDRAKNGNGRLHLAGLVSDGGVHSHIDHMFALVKAIKELGVPELYLHFYGDGRD
TSPNSGVGFLEQTLEFLEKTTGYGKLATVVGRYYAMDRDNRWERINVAYEAMIGGVGETSDEAGVVEVVRKRYAADETDE
FLKPIILQGEKGRVQNDDTIIFFDYRADRMREISAAMGMDRYKDCNSKLAHPSNLQVYGMTQYKAEFPFKSLFPPASNKN
VLAEWLAEQKVSQFHCAETEKYAHVTFFFNGGLEKQFEGEERCLVPSPKVATYDLQPEMSAAGVADKMIEQLEAGTHPFI
MCNFAPPDMVGHTGVYEAAVKACEATDIAIGRIYEATQKHGYSLMVTADHGNAEKMKAPDGGKHTAHTCYRVPLTLSHPG
FKFVDPADRHPALCDVAPTVLAIMGLPQPAEMTGVSIVQKIKLAAALEHHHHHH
;
A,B
2 'polypeptide(L)' (ACE)(DTY)DYPGDYCYLY(NH2) C,D
#
# COMPACT_ATOMS: atom_id res chain seq x y z
N ALA A 2 20.22 -6.11 -12.49
CA ALA A 2 21.50 -5.76 -11.90
C ALA A 2 21.47 -4.38 -11.27
N MET A 3 22.46 -4.12 -10.42
CA MET A 3 22.61 -2.84 -9.71
CA MET A 3 22.61 -2.82 -9.79
C MET A 3 24.09 -2.56 -9.57
N ALA A 4 24.42 -1.27 -9.40
CA ALA A 4 25.79 -0.77 -9.52
C ALA A 4 26.78 -1.45 -8.59
N ASN A 5 26.36 -1.89 -7.40
CA ASN A 5 27.28 -2.44 -6.41
C ASN A 5 27.22 -3.96 -6.32
N ASN A 6 26.70 -4.62 -7.35
CA ASN A 6 26.62 -6.09 -7.30
C ASN A 6 27.98 -6.73 -7.04
N SER A 7 29.06 -6.15 -7.57
CA SER A 7 30.37 -6.76 -7.41
CA SER A 7 30.40 -6.72 -7.42
C SER A 7 31.00 -6.49 -6.05
N SER A 8 30.39 -5.65 -5.21
CA SER A 8 30.94 -5.42 -3.88
C SER A 8 30.71 -6.58 -2.93
N VAL A 9 29.85 -7.55 -3.27
CA VAL A 9 29.57 -8.62 -2.31
C VAL A 9 30.78 -9.53 -2.24
N ALA A 10 31.05 -10.02 -1.03
CA ALA A 10 32.12 -11.00 -0.84
C ALA A 10 31.69 -12.41 -1.24
N ASN A 11 30.40 -12.73 -1.08
CA ASN A 11 29.87 -14.04 -1.45
C ASN A 11 28.44 -13.87 -1.93
N LYS A 12 28.10 -14.51 -3.04
CA LYS A 12 26.71 -14.51 -3.48
C LYS A 12 25.97 -15.60 -2.71
N VAL A 13 24.75 -15.31 -2.30
CA VAL A 13 23.99 -16.22 -1.45
C VAL A 13 22.70 -16.61 -2.14
N CYS A 14 22.41 -17.91 -2.09
CA CYS A 14 21.10 -18.46 -2.43
C CYS A 14 20.44 -18.91 -1.12
N LEU A 15 19.29 -18.32 -0.78
CA LEU A 15 18.53 -18.69 0.40
C LEU A 15 17.28 -19.46 -0.03
N ILE A 16 17.16 -20.71 0.43
CA ILE A 16 15.95 -21.49 0.21
C ILE A 16 15.13 -21.46 1.49
N VAL A 17 13.86 -21.09 1.38
CA VAL A 17 12.92 -21.14 2.50
C VAL A 17 11.95 -22.28 2.23
N ILE A 18 12.18 -23.39 2.91
CA ILE A 18 11.25 -24.51 2.84
C ILE A 18 10.05 -24.16 3.70
N ASP A 19 8.86 -24.39 3.16
CA ASP A 19 7.66 -24.10 3.91
C ASP A 19 7.22 -25.35 4.68
N GLY A 20 7.12 -25.25 5.99
CA GLY A 20 6.61 -26.31 6.82
C GLY A 20 7.54 -27.49 7.02
N TRP A 21 8.82 -27.23 7.27
CA TRP A 21 9.84 -28.26 7.43
C TRP A 21 10.56 -28.01 8.76
N GLY A 22 10.18 -28.78 9.78
CA GLY A 22 10.72 -28.64 11.11
C GLY A 22 11.61 -29.82 11.48
N VAL A 23 12.37 -29.63 12.54
CA VAL A 23 13.36 -30.59 13.02
C VAL A 23 12.77 -31.30 14.23
N SER A 24 12.43 -32.58 14.07
CA SER A 24 11.93 -33.39 15.17
C SER A 24 12.60 -34.76 15.10
N GLU A 25 13.07 -35.25 16.24
CA GLU A 25 13.66 -36.57 16.32
C GLU A 25 12.62 -37.68 16.47
N ASP A 26 11.39 -37.35 16.86
CA ASP A 26 10.36 -38.39 16.94
C ASP A 26 10.02 -38.87 15.53
N PRO A 27 10.23 -40.14 15.21
CA PRO A 27 9.90 -40.61 13.87
C PRO A 27 8.42 -40.84 13.61
N TYR A 28 7.58 -40.90 14.64
CA TYR A 28 6.20 -41.29 14.43
C TYR A 28 5.46 -40.20 13.64
N GLY A 29 4.96 -40.54 12.46
CA GLY A 29 4.27 -39.57 11.61
C GLY A 29 5.17 -38.47 11.06
N ASN A 30 6.48 -38.65 11.14
CA ASN A 30 7.45 -37.65 10.72
C ASN A 30 7.76 -37.89 9.24
N ALA A 31 7.07 -37.15 8.37
CA ALA A 31 7.23 -37.33 6.93
C ALA A 31 8.62 -36.91 6.41
N ILE A 32 9.34 -36.05 7.14
CA ILE A 32 10.67 -35.64 6.71
C ILE A 32 11.69 -36.73 7.02
N LEU A 33 11.70 -37.19 8.26
CA LEU A 33 12.61 -38.26 8.65
C LEU A 33 12.38 -39.49 7.78
N ASN A 34 11.13 -39.88 7.60
CA ASN A 34 10.83 -41.13 6.91
C ASN A 34 10.97 -41.00 5.41
N ALA A 35 10.77 -39.81 4.87
CA ALA A 35 10.97 -39.60 3.45
C ALA A 35 12.44 -39.79 3.08
N GLN A 36 12.67 -40.13 1.82
CA GLN A 36 14.03 -40.15 1.29
C GLN A 36 14.50 -38.71 1.13
N THR A 37 15.40 -38.26 2.01
CA THR A 37 15.90 -36.88 1.98
C THR A 37 17.41 -36.87 2.07
N PRO A 38 18.10 -37.53 1.14
CA PRO A 38 19.57 -37.57 1.19
C PRO A 38 20.23 -36.21 1.17
N VAL A 39 19.67 -35.22 0.46
CA VAL A 39 20.34 -33.92 0.35
C VAL A 39 20.29 -33.19 1.68
N MET A 40 19.10 -33.05 2.24
CA MET A 40 18.98 -32.36 3.51
C MET A 40 19.64 -33.14 4.64
N ASP A 41 19.70 -34.48 4.54
CA ASP A 41 20.47 -35.24 5.51
C ASP A 41 21.93 -34.81 5.55
N LYS A 42 22.49 -34.43 4.40
CA LYS A 42 23.87 -33.99 4.40
C LYS A 42 23.99 -32.51 4.74
N LEU A 43 23.10 -31.68 4.21
CA LEU A 43 23.15 -30.27 4.55
C LEU A 43 22.90 -30.06 6.04
N CYS A 44 21.99 -30.85 6.63
CA CYS A 44 21.72 -30.77 8.08
C CYS A 44 22.62 -31.76 8.82
N SER A 45 23.92 -31.61 8.60
CA SER A 45 24.93 -32.35 9.34
C SER A 45 26.14 -31.45 9.43
N GLY A 46 27.04 -31.78 10.36
CA GLY A 46 28.24 -30.99 10.55
C GLY A 46 27.93 -29.58 11.02
N ASN A 47 28.39 -28.59 10.28
CA ASN A 47 28.13 -27.18 10.60
C ASN A 47 26.72 -26.82 10.12
N TRP A 48 25.76 -26.92 11.03
CA TRP A 48 24.42 -26.40 10.80
C TRP A 48 23.83 -25.97 12.14
N ALA A 49 22.70 -25.27 12.07
CA ALA A 49 22.02 -24.76 13.24
C ALA A 49 20.56 -25.15 13.22
N GLN A 50 19.92 -25.04 14.38
CA GLN A 50 18.48 -25.22 14.53
C GLN A 50 17.96 -23.95 15.20
N ILE A 51 17.01 -23.28 14.57
CA ILE A 51 16.58 -21.97 15.03
C ILE A 51 15.08 -21.97 15.30
N GLU A 52 14.64 -21.11 16.23
CA GLU A 52 13.25 -21.10 16.65
C GLU A 52 12.39 -20.33 15.66
N ALA A 53 11.13 -20.77 15.54
CA ALA A 53 10.22 -20.21 14.55
C ALA A 53 8.78 -20.14 15.08
N HIS A 54 8.58 -20.11 16.39
CA HIS A 54 7.26 -20.07 16.99
C HIS A 54 7.33 -19.20 18.24
N GLY A 55 6.16 -18.89 18.78
CA GLY A 55 6.06 -18.24 20.07
C GLY A 55 6.78 -16.90 20.13
N LEU A 56 7.28 -16.59 21.33
CA LEU A 56 7.95 -15.32 21.55
C LEU A 56 9.21 -15.17 20.70
N HIS A 57 9.79 -16.29 20.23
CA HIS A 57 10.96 -16.21 19.38
C HIS A 57 10.69 -15.46 18.09
N VAL A 58 9.43 -15.45 17.63
CA VAL A 58 9.03 -14.73 16.43
C VAL A 58 7.98 -13.67 16.75
N GLY A 59 7.94 -13.20 17.98
CA GLY A 59 7.05 -12.13 18.37
C GLY A 59 5.61 -12.52 18.64
N LEU A 60 5.30 -13.81 18.65
CA LEU A 60 3.95 -14.29 18.93
C LEU A 60 3.79 -14.65 20.39
N PRO A 61 2.56 -14.74 20.87
CA PRO A 61 2.33 -15.18 22.25
C PRO A 61 3.02 -16.51 22.52
N GLU A 62 3.42 -16.68 23.77
CA GLU A 62 4.13 -17.89 24.18
C GLU A 62 3.32 -19.13 23.81
N GLY A 63 4.01 -20.13 23.28
CA GLY A 63 3.40 -21.40 22.95
C GLY A 63 2.63 -21.46 21.65
N LEU A 64 2.55 -20.38 20.88
CA LEU A 64 1.78 -20.40 19.64
C LEU A 64 2.65 -20.87 18.49
N MET A 65 2.14 -21.82 17.71
CA MET A 65 2.88 -22.36 16.59
C MET A 65 3.21 -21.26 15.58
N GLY A 66 4.25 -21.48 14.80
CA GLY A 66 4.61 -20.56 13.76
C GLY A 66 3.64 -20.62 12.60
N ASN A 67 3.85 -19.73 11.64
CA ASN A 67 3.05 -19.73 10.42
C ASN A 67 3.81 -19.02 9.30
N SER A 68 3.26 -19.12 8.08
CA SER A 68 4.02 -18.68 6.91
C SER A 68 4.12 -17.16 6.87
N GLU A 69 3.09 -16.47 7.35
CA GLU A 69 3.09 -15.01 7.31
C GLU A 69 4.08 -14.45 8.32
N VAL A 70 3.99 -14.87 9.59
CA VAL A 70 4.96 -14.41 10.57
CA VAL A 70 4.96 -14.43 10.59
C VAL A 70 6.36 -14.89 10.22
N GLY A 71 6.47 -16.10 9.68
CA GLY A 71 7.81 -16.65 9.43
C GLY A 71 8.56 -15.91 8.35
N HIS A 72 7.91 -15.64 7.21
CA HIS A 72 8.55 -14.92 6.13
C HIS A 72 8.79 -13.47 6.52
N LEU A 73 7.88 -12.89 7.30
CA LEU A 73 8.10 -11.57 7.87
C LEU A 73 9.38 -11.53 8.71
N ASN A 74 9.53 -12.45 9.68
CA ASN A 74 10.70 -12.42 10.56
C ASN A 74 12.00 -12.75 9.80
N ILE A 75 11.95 -13.71 8.87
CA ILE A 75 13.14 -14.00 8.06
C ILE A 75 13.55 -12.77 7.27
N GLY A 76 12.59 -12.11 6.65
CA GLY A 76 12.93 -10.96 5.81
C GLY A 76 13.42 -9.76 6.60
N ALA A 77 12.98 -9.62 7.85
CA ALA A 77 13.16 -8.36 8.58
C ALA A 77 14.44 -8.30 9.40
N GLY A 78 15.04 -9.44 9.77
CA GLY A 78 16.20 -9.41 10.61
C GLY A 78 15.95 -8.80 11.96
N ARG A 79 14.73 -8.95 12.49
CA ARG A 79 14.36 -8.48 13.82
C ARG A 79 13.08 -9.22 14.17
N VAL A 80 12.77 -9.26 15.45
CA VAL A 80 11.48 -9.76 15.91
C VAL A 80 10.45 -8.65 15.71
N ILE A 81 9.40 -8.96 14.96
CA ILE A 81 8.24 -8.08 14.88
C ILE A 81 7.28 -8.55 15.97
N TYR A 82 7.08 -7.73 16.99
CA TYR A 82 6.22 -8.13 18.11
C TYR A 82 4.75 -8.00 17.73
N GLN A 83 4.04 -9.12 17.78
CA GLN A 83 2.61 -9.11 17.51
C GLN A 83 1.90 -8.24 18.54
N ASP A 84 0.83 -7.57 18.10
CA ASP A 84 0.16 -6.59 18.97
C ASP A 84 0.01 -7.03 20.42
N ILE A 85 -0.46 -8.25 20.65
CA ILE A 85 -0.75 -8.71 22.01
C ILE A 85 0.52 -8.69 22.86
N VAL A 86 1.60 -9.25 22.32
CA VAL A 86 2.87 -9.32 23.02
C VAL A 86 3.40 -7.92 23.26
N ARG A 87 3.31 -7.07 22.24
CA ARG A 87 3.84 -5.71 22.34
C ARG A 87 3.12 -4.92 23.43
N ILE A 88 1.80 -4.98 23.44
CA ILE A 88 1.05 -4.20 24.43
C ILE A 88 1.28 -4.76 25.82
N ASN A 89 1.33 -6.08 25.95
CA ASN A 89 1.57 -6.69 27.26
C ASN A 89 2.92 -6.25 27.84
N LEU A 90 3.95 -6.19 27.00
CA LEU A 90 5.23 -5.65 27.47
C LEU A 90 5.08 -4.23 27.98
N ALA A 91 4.37 -3.39 27.24
CA ALA A 91 4.15 -2.01 27.66
C ALA A 91 3.46 -1.95 29.02
N VAL A 92 2.47 -2.83 29.25
CA VAL A 92 1.79 -2.83 30.54
C VAL A 92 2.75 -3.30 31.63
N LYS A 93 3.50 -4.36 31.36
CA LYS A 93 4.42 -4.91 32.35
C LYS A 93 5.46 -3.88 32.77
N ASN A 94 5.97 -3.10 31.82
CA ASN A 94 7.06 -2.18 32.06
C ASN A 94 6.60 -0.74 32.27
N ASN A 95 5.34 -0.55 32.65
CA ASN A 95 4.77 0.75 32.96
C ASN A 95 5.06 1.81 31.89
N LYS A 96 4.87 1.43 30.63
CA LYS A 96 5.20 2.32 29.52
C LYS A 96 4.00 3.08 28.97
N PHE A 97 2.79 2.83 29.46
CA PHE A 97 1.65 3.62 28.99
C PHE A 97 1.81 5.09 29.37
N VAL A 98 2.32 5.37 30.58
CA VAL A 98 2.48 6.75 31.04
C VAL A 98 3.35 7.59 30.13
N THR A 99 4.25 6.97 29.38
CA THR A 99 5.09 7.70 28.44
C THR A 99 4.76 7.37 26.99
N ASN A 100 3.64 6.68 26.74
CA ASN A 100 3.23 6.42 25.37
C ASN A 100 2.93 7.74 24.68
N GLU A 101 3.59 7.98 23.53
CA GLU A 101 3.49 9.28 22.87
C GLU A 101 2.05 9.65 22.54
N SER A 102 1.28 8.73 21.96
CA SER A 102 -0.09 9.07 21.57
C SER A 102 -1.00 9.17 22.78
N LEU A 103 -0.76 8.39 23.83
CA LEU A 103 -1.56 8.55 25.04
C LEU A 103 -1.31 9.92 25.68
N VAL A 104 -0.03 10.31 25.79
CA VAL A 104 0.31 11.64 26.30
C VAL A 104 -0.34 12.73 25.46
N ASP A 105 -0.32 12.54 24.14
CA ASP A 105 -0.99 13.49 23.24
C ASP A 105 -2.47 13.62 23.58
N ALA A 106 -3.18 12.50 23.67
CA ALA A 106 -4.61 12.54 24.01
C ALA A 106 -4.85 13.20 25.36
N CYS A 107 -4.04 12.85 26.37
CA CYS A 107 -4.23 13.45 27.69
C CYS A 107 -3.90 14.94 27.67
N ASP A 108 -2.90 15.36 26.88
CA ASP A 108 -2.61 16.78 26.72
C ASP A 108 -3.76 17.52 26.07
N ARG A 109 -4.40 16.91 25.06
CA ARG A 109 -5.55 17.55 24.44
C ARG A 109 -6.65 17.79 25.45
N ALA A 110 -7.00 16.77 26.24
CA ALA A 110 -8.04 16.93 27.26
C ALA A 110 -7.63 18.00 28.26
N LYS A 111 -6.39 17.94 28.74
CA LYS A 111 -5.92 18.88 29.76
C LYS A 111 -5.87 20.31 29.23
N ASN A 112 -5.42 20.50 27.99
CA ASN A 112 -5.43 21.83 27.40
C ASN A 112 -6.80 22.22 26.90
N GLY A 113 -7.73 21.27 26.85
CA GLY A 113 -9.08 21.54 26.37
C GLY A 113 -10.13 21.51 27.46
N ASN A 114 -11.22 20.79 27.25
CA ASN A 114 -12.31 20.78 28.20
C ASN A 114 -12.14 19.75 29.31
N GLY A 115 -10.98 19.09 29.39
CA GLY A 115 -10.64 18.15 30.43
C GLY A 115 -11.25 16.76 30.32
N ARG A 116 -11.99 16.47 29.27
CA ARG A 116 -12.85 15.29 29.22
C ARG A 116 -12.30 14.27 28.24
N LEU A 117 -12.13 13.04 28.71
CA LEU A 117 -11.58 11.95 27.91
C LEU A 117 -12.43 10.71 28.10
N HIS A 118 -12.57 9.91 27.03
CA HIS A 118 -13.38 8.70 27.04
C HIS A 118 -12.52 7.50 26.65
N LEU A 119 -12.79 6.36 27.29
CA LEU A 119 -12.26 5.05 26.90
C LEU A 119 -13.41 4.18 26.42
N ALA A 120 -13.25 3.51 25.27
CA ALA A 120 -14.31 2.65 24.76
C ALA A 120 -13.71 1.37 24.17
N GLY A 121 -14.28 0.23 24.52
CA GLY A 121 -13.83 -1.03 23.94
C GLY A 121 -14.51 -2.21 24.56
N LEU A 122 -14.07 -3.37 24.13
CA LEU A 122 -14.61 -4.65 24.60
C LEU A 122 -14.00 -4.99 25.96
N VAL A 123 -14.85 -5.11 26.99
CA VAL A 123 -14.38 -5.31 28.36
C VAL A 123 -14.55 -6.79 28.72
N SER A 124 -13.46 -7.55 28.57
CA SER A 124 -13.41 -8.94 28.99
C SER A 124 -11.95 -9.39 28.89
N ASP A 125 -11.69 -10.61 29.39
CA ASP A 125 -10.38 -11.22 29.25
C ASP A 125 -10.29 -12.10 28.01
N GLY A 126 -11.20 -11.90 27.04
CA GLY A 126 -11.15 -12.68 25.81
C GLY A 126 -9.82 -12.61 25.09
N GLY A 127 -9.24 -11.43 25.00
CA GLY A 127 -7.94 -11.30 24.35
C GLY A 127 -7.95 -11.45 22.84
N VAL A 128 -9.11 -11.60 22.21
CA VAL A 128 -9.13 -11.62 20.75
C VAL A 128 -9.15 -10.20 20.20
N HIS A 129 -10.07 -9.38 20.70
CA HIS A 129 -10.21 -7.99 20.29
C HIS A 129 -9.57 -7.01 21.26
N SER A 130 -9.41 -7.39 22.53
CA SER A 130 -8.96 -6.46 23.58
C SER A 130 -8.59 -7.29 24.79
N HIS A 131 -8.11 -6.62 25.84
CA HIS A 131 -8.05 -7.24 27.15
C HIS A 131 -8.36 -6.23 28.25
N ILE A 132 -9.19 -6.65 29.20
CA ILE A 132 -9.55 -5.77 30.31
C ILE A 132 -8.31 -5.25 31.04
N ASP A 133 -7.24 -6.05 31.11
CA ASP A 133 -5.99 -5.60 31.75
C ASP A 133 -5.44 -4.35 31.08
N HIS A 134 -5.56 -4.25 29.75
CA HIS A 134 -5.09 -3.07 29.05
C HIS A 134 -5.93 -1.86 29.41
N MET A 135 -7.25 -2.04 29.51
CA MET A 135 -8.12 -0.94 29.89
C MET A 135 -7.80 -0.46 31.30
N PHE A 136 -7.57 -1.38 32.23
CA PHE A 136 -7.15 -0.99 33.58
C PHE A 136 -5.82 -0.24 33.54
N ALA A 137 -4.87 -0.71 32.74
CA ALA A 137 -3.60 0.00 32.65
C ALA A 137 -3.77 1.38 32.03
N LEU A 138 -4.71 1.53 31.09
CA LEU A 138 -4.95 2.85 30.52
C LEU A 138 -5.54 3.80 31.57
N VAL A 139 -6.48 3.31 32.37
CA VAL A 139 -7.06 4.17 33.40
C VAL A 139 -5.98 4.67 34.36
N LYS A 140 -5.10 3.77 34.83
CA LYS A 140 -4.07 4.19 35.80
C LYS A 140 -3.11 5.22 35.21
N ALA A 141 -2.76 5.07 33.93
CA ALA A 141 -1.86 6.01 33.27
C ALA A 141 -2.55 7.35 33.05
N ILE A 142 -3.82 7.32 32.62
CA ILE A 142 -4.56 8.57 32.41
C ILE A 142 -4.64 9.36 33.72
N LYS A 143 -4.86 8.66 34.82
CA LYS A 143 -4.90 9.30 36.12
C LYS A 143 -3.55 9.93 36.45
N GLU A 144 -2.47 9.15 36.27
CA GLU A 144 -1.16 9.68 36.60
C GLU A 144 -0.85 10.90 35.75
N LEU A 145 -1.31 10.91 34.50
CA LEU A 145 -1.09 12.04 33.61
C LEU A 145 -1.98 13.23 33.92
N GLY A 146 -2.93 13.08 34.84
CA GLY A 146 -3.66 14.21 35.37
C GLY A 146 -4.86 14.66 34.57
N VAL A 147 -5.50 13.75 33.84
CA VAL A 147 -6.68 14.15 33.05
C VAL A 147 -7.83 14.47 34.00
N PRO A 148 -8.50 15.61 33.85
CA PRO A 148 -9.58 15.95 34.81
C PRO A 148 -10.72 14.94 34.89
N GLU A 149 -11.27 14.49 33.76
CA GLU A 149 -12.49 13.68 33.75
C GLU A 149 -12.30 12.52 32.78
N LEU A 150 -12.66 11.29 33.21
CA LEU A 150 -12.55 10.09 32.37
C LEU A 150 -13.80 9.25 32.47
N TYR A 151 -14.33 8.84 31.30
CA TYR A 151 -15.54 8.04 31.22
C TYR A 151 -15.26 6.76 30.43
N LEU A 152 -15.82 5.65 30.90
CA LEU A 152 -15.66 4.36 30.24
C LEU A 152 -16.95 3.92 29.54
N HIS A 153 -16.83 3.52 28.29
CA HIS A 153 -17.92 2.90 27.54
C HIS A 153 -17.55 1.44 27.35
N PHE A 154 -18.32 0.59 28.02
CA PHE A 154 -18.07 -0.83 28.20
C PHE A 154 -18.86 -1.57 27.12
N TYR A 155 -18.17 -2.25 26.22
CA TYR A 155 -18.81 -3.10 25.23
C TYR A 155 -18.83 -4.53 25.73
N GLY A 156 -20.03 -5.12 25.80
CA GLY A 156 -20.19 -6.46 26.34
C GLY A 156 -19.76 -7.52 25.34
N ASP A 157 -19.11 -8.54 25.87
CA ASP A 157 -18.50 -9.56 25.02
C ASP A 157 -19.43 -10.75 24.79
N GLY A 158 -19.28 -11.80 25.60
CA GLY A 158 -20.09 -12.99 25.44
C GLY A 158 -19.81 -13.84 24.21
N ARG A 159 -18.83 -13.46 23.38
CA ARG A 159 -18.44 -14.25 22.23
C ARG A 159 -17.04 -14.83 22.36
N ASP A 160 -16.08 -14.03 22.81
CA ASP A 160 -14.74 -14.49 23.15
C ASP A 160 -14.64 -14.99 24.58
N THR A 161 -15.73 -14.87 25.35
CA THR A 161 -15.86 -15.34 26.71
C THR A 161 -17.32 -15.80 26.84
N SER A 162 -17.67 -16.41 27.98
CA SER A 162 -18.99 -17.01 28.06
C SER A 162 -20.09 -15.94 28.06
N PRO A 163 -21.29 -16.29 27.60
CA PRO A 163 -22.33 -15.26 27.41
C PRO A 163 -22.82 -14.61 28.70
N ASN A 164 -22.52 -15.18 29.87
CA ASN A 164 -22.92 -14.58 31.15
C ASN A 164 -21.72 -14.16 32.00
N SER A 165 -20.56 -13.93 31.39
CA SER A 165 -19.40 -13.50 32.16
C SER A 165 -19.33 -11.99 32.31
N GLY A 166 -20.13 -11.25 31.54
CA GLY A 166 -20.01 -9.80 31.53
C GLY A 166 -20.28 -9.17 32.89
N VAL A 167 -21.14 -9.80 33.68
CA VAL A 167 -21.47 -9.28 35.00
C VAL A 167 -20.24 -9.30 35.88
N GLY A 168 -19.40 -10.33 35.73
CA GLY A 168 -18.16 -10.38 36.46
C GLY A 168 -17.18 -9.30 36.02
N PHE A 169 -17.04 -9.10 34.71
CA PHE A 169 -16.16 -8.04 34.24
C PHE A 169 -16.69 -6.69 34.66
N LEU A 170 -18.01 -6.53 34.69
CA LEU A 170 -18.61 -5.30 35.17
C LEU A 170 -18.28 -5.08 36.66
N GLU A 171 -18.50 -6.11 37.49
CA GLU A 171 -18.15 -6.00 38.91
C GLU A 171 -16.68 -5.67 39.09
N GLN A 172 -15.80 -6.37 38.35
CA GLN A 172 -14.38 -6.04 38.42
C GLN A 172 -14.15 -4.57 38.10
N THR A 173 -14.82 -4.05 37.07
CA THR A 173 -14.56 -2.70 36.59
C THR A 173 -15.04 -1.66 37.61
N LEU A 174 -16.26 -1.84 38.11
CA LEU A 174 -16.80 -0.91 39.10
C LEU A 174 -15.90 -0.82 40.31
N GLU A 175 -15.42 -1.97 40.79
CA GLU A 175 -14.56 -2.00 41.97
C GLU A 175 -13.20 -1.38 41.68
N PHE A 176 -12.64 -1.67 40.49
CA PHE A 176 -11.39 -1.05 40.09
C PHE A 176 -11.52 0.47 40.09
N LEU A 177 -12.59 1.00 39.50
CA LEU A 177 -12.76 2.45 39.44
C LEU A 177 -12.98 3.04 40.83
N GLU A 178 -13.77 2.38 41.66
CA GLU A 178 -14.11 2.94 42.97
CA GLU A 178 -14.11 2.94 42.97
C GLU A 178 -12.96 2.78 43.98
N LYS A 179 -12.41 1.59 44.10
CA LYS A 179 -11.45 1.29 45.15
C LYS A 179 -10.00 1.33 44.72
N THR A 180 -9.68 0.90 43.50
CA THR A 180 -8.28 0.79 43.14
C THR A 180 -7.73 2.14 42.70
N THR A 181 -8.41 2.80 41.74
CA THR A 181 -7.97 4.09 41.25
C THR A 181 -8.69 5.25 41.91
N GLY A 182 -9.91 5.03 42.38
CA GLY A 182 -10.75 6.14 42.85
C GLY A 182 -10.88 7.23 41.83
N TYR A 183 -10.97 6.86 40.55
CA TYR A 183 -10.86 7.80 39.44
C TYR A 183 -11.40 7.10 38.19
N GLY A 184 -12.24 7.80 37.44
CA GLY A 184 -12.88 7.24 36.26
C GLY A 184 -14.29 6.77 36.58
N LYS A 185 -15.18 6.90 35.58
CA LYS A 185 -16.60 6.60 35.76
C LYS A 185 -17.11 5.78 34.59
N LEU A 186 -17.86 4.73 34.91
CA LEU A 186 -18.55 3.97 33.87
C LEU A 186 -19.72 4.79 33.35
N ALA A 187 -19.80 4.94 32.02
CA ALA A 187 -20.79 5.78 31.35
C ALA A 187 -21.81 5.01 30.52
N THR A 188 -21.43 3.88 29.94
CA THR A 188 -22.29 3.10 29.07
C THR A 188 -21.93 1.64 29.20
N VAL A 189 -22.95 0.79 29.11
CA VAL A 189 -22.80 -0.64 28.83
C VAL A 189 -23.66 -0.95 27.61
N VAL A 190 -23.06 -1.57 26.59
CA VAL A 190 -23.81 -2.01 25.40
C VAL A 190 -23.09 -3.21 24.79
N GLY A 191 -23.86 -4.14 24.25
CA GLY A 191 -23.30 -5.37 23.72
C GLY A 191 -22.56 -5.14 22.41
N ARG A 192 -21.55 -5.99 22.16
CA ARG A 192 -20.76 -5.92 20.94
C ARG A 192 -21.58 -6.12 19.67
N TYR A 193 -22.73 -6.78 19.76
CA TYR A 193 -23.63 -6.89 18.61
C TYR A 193 -23.89 -5.51 18.01
N TYR A 194 -24.06 -4.50 18.87
CA TYR A 194 -24.31 -3.13 18.44
C TYR A 194 -23.03 -2.34 18.18
N ALA A 195 -22.12 -2.31 19.15
CA ALA A 195 -20.96 -1.44 19.06
C ALA A 195 -19.94 -1.91 18.04
N MET A 196 -19.89 -3.20 17.77
CA MET A 196 -18.73 -3.80 17.12
C MET A 196 -19.08 -4.55 15.82
N ASP A 197 -20.18 -4.15 15.18
CA ASP A 197 -20.56 -4.67 13.88
C ASP A 197 -19.46 -4.42 12.86
N ARG A 198 -19.27 -5.38 11.94
CA ARG A 198 -18.31 -5.22 10.86
C ARG A 198 -18.92 -5.50 9.49
N ASP A 199 -20.25 -5.54 9.39
CA ASP A 199 -20.94 -5.88 8.15
C ASP A 199 -21.76 -4.71 7.63
N ASN A 200 -21.41 -3.48 8.00
CA ASN A 200 -22.11 -2.30 7.51
C ASN A 200 -23.58 -2.31 7.87
N ARG A 201 -23.90 -2.88 9.05
CA ARG A 201 -25.24 -2.80 9.60
C ARG A 201 -25.28 -1.57 10.52
N TRP A 202 -25.42 -0.41 9.87
CA TRP A 202 -25.30 0.86 10.58
C TRP A 202 -26.44 1.10 11.55
N GLU A 203 -27.57 0.39 11.41
CA GLU A 203 -28.63 0.48 12.39
C GLU A 203 -28.25 -0.17 13.72
N ARG A 204 -27.31 -1.11 13.69
CA ARG A 204 -26.78 -1.64 14.94
C ARG A 204 -25.77 -0.67 15.55
N ILE A 205 -24.81 -0.17 14.75
CA ILE A 205 -23.89 0.84 15.24
C ILE A 205 -24.65 2.00 15.87
N ASN A 206 -25.78 2.38 15.27
CA ASN A 206 -26.50 3.55 15.76
C ASN A 206 -26.96 3.37 17.21
N VAL A 207 -27.28 2.14 17.61
CA VAL A 207 -27.70 1.91 19.00
C VAL A 207 -26.57 2.30 19.94
N ALA A 208 -25.36 1.85 19.64
CA ALA A 208 -24.18 2.20 20.41
C ALA A 208 -23.87 3.68 20.29
N TYR A 209 -23.97 4.23 19.07
CA TYR A 209 -23.68 5.64 18.84
C TYR A 209 -24.61 6.53 19.66
N GLU A 210 -25.90 6.22 19.65
CA GLU A 210 -26.87 7.07 20.34
C GLU A 210 -26.75 6.93 21.85
N ALA A 211 -26.36 5.74 22.33
CA ALA A 211 -26.07 5.56 23.75
C ALA A 211 -24.90 6.48 24.16
N MET A 212 -23.84 6.48 23.36
CA MET A 212 -22.64 7.24 23.71
C MET A 212 -22.85 8.74 23.55
N ILE A 213 -23.58 9.15 22.50
CA ILE A 213 -23.74 10.57 22.17
C ILE A 213 -24.93 11.21 22.89
N GLY A 214 -26.01 10.46 23.05
CA GLY A 214 -27.24 11.04 23.54
C GLY A 214 -27.88 10.33 24.72
N GLY A 215 -27.21 9.31 25.25
CA GLY A 215 -27.72 8.62 26.41
C GLY A 215 -29.02 7.89 26.15
N VAL A 216 -29.20 7.39 24.93
CA VAL A 216 -30.38 6.61 24.57
C VAL A 216 -30.17 5.19 25.09
N GLY A 217 -30.93 4.82 26.11
CA GLY A 217 -30.81 3.53 26.76
C GLY A 217 -31.48 3.59 28.12
N GLU A 218 -31.19 2.58 28.94
CA GLU A 218 -31.78 2.48 30.28
C GLU A 218 -30.89 3.22 31.27
N THR A 219 -31.46 4.19 31.98
CA THR A 219 -30.74 4.88 33.04
C THR A 219 -30.47 3.94 34.20
N SER A 220 -29.24 3.96 34.71
CA SER A 220 -28.87 3.22 35.91
C SER A 220 -27.73 3.97 36.56
N ASP A 221 -27.12 3.34 37.57
CA ASP A 221 -26.01 3.96 38.29
C ASP A 221 -25.13 2.84 38.82
N GLU A 222 -24.03 3.21 39.48
CA GLU A 222 -23.11 2.19 39.98
C GLU A 222 -23.82 1.20 40.88
N ALA A 223 -24.73 1.68 41.73
CA ALA A 223 -25.39 0.80 42.69
C ALA A 223 -26.33 -0.18 42.00
N GLY A 224 -26.86 0.19 40.83
CA GLY A 224 -27.93 -0.58 40.21
C GLY A 224 -27.56 -1.37 38.97
N VAL A 225 -26.39 -1.13 38.38
CA VAL A 225 -26.13 -1.62 37.02
C VAL A 225 -25.94 -3.14 37.00
N VAL A 226 -25.28 -3.72 38.00
CA VAL A 226 -25.16 -5.18 38.03
C VAL A 226 -26.53 -5.81 38.05
N GLU A 227 -27.45 -5.25 38.85
CA GLU A 227 -28.80 -5.81 38.91
C GLU A 227 -29.51 -5.70 37.55
N VAL A 228 -29.30 -4.60 36.83
CA VAL A 228 -29.90 -4.47 35.49
C VAL A 228 -29.44 -5.61 34.61
N VAL A 229 -28.12 -5.84 34.58
CA VAL A 229 -27.56 -6.90 33.75
C VAL A 229 -28.12 -8.26 34.14
N ARG A 230 -28.24 -8.52 35.45
CA ARG A 230 -28.77 -9.81 35.88
C ARG A 230 -30.21 -9.99 35.40
N LYS A 231 -30.99 -8.91 35.42
CA LYS A 231 -32.34 -8.97 34.85
C LYS A 231 -32.29 -9.20 33.35
N ARG A 232 -31.32 -8.62 32.65
CA ARG A 232 -31.18 -8.90 31.22
C ARG A 232 -30.89 -10.39 31.01
N TYR A 233 -29.96 -10.92 31.80
CA TYR A 233 -29.63 -12.34 31.72
C TYR A 233 -30.85 -13.21 31.96
N ALA A 234 -31.64 -12.89 33.00
CA ALA A 234 -32.82 -13.69 33.29
C ALA A 234 -33.82 -13.65 32.13
N ALA A 235 -33.78 -12.60 31.31
CA ALA A 235 -34.61 -12.47 30.13
C ALA A 235 -33.92 -12.98 28.87
N ASP A 236 -32.82 -13.72 29.01
CA ASP A 236 -32.11 -14.32 27.89
C ASP A 236 -31.47 -13.28 26.97
N GLU A 237 -31.16 -12.10 27.49
CA GLU A 237 -30.38 -11.10 26.78
C GLU A 237 -28.96 -11.16 27.35
N THR A 238 -28.06 -11.81 26.62
CA THR A 238 -26.72 -12.07 27.11
C THR A 238 -25.78 -10.91 26.74
N ASP A 239 -24.50 -11.09 27.09
CA ASP A 239 -23.52 -10.00 27.02
C ASP A 239 -23.45 -9.41 25.61
N GLU A 240 -23.40 -10.28 24.60
CA GLU A 240 -23.20 -9.84 23.24
C GLU A 240 -24.34 -8.93 22.78
N PHE A 241 -25.52 -9.12 23.34
CA PHE A 241 -26.75 -8.48 22.88
C PHE A 241 -27.30 -7.46 23.87
N LEU A 242 -26.52 -7.04 24.87
CA LEU A 242 -27.05 -6.12 25.88
C LEU A 242 -27.48 -4.82 25.22
N LYS A 243 -28.73 -4.44 25.42
CA LYS A 243 -29.17 -3.11 25.01
C LYS A 243 -28.60 -2.05 25.96
N PRO A 244 -28.46 -0.81 25.48
CA PRO A 244 -27.61 0.15 26.20
C PRO A 244 -28.10 0.44 27.60
N ILE A 245 -27.14 0.54 28.52
CA ILE A 245 -27.36 1.02 29.87
C ILE A 245 -26.52 2.28 30.03
N ILE A 246 -27.14 3.34 30.58
CA ILE A 246 -26.61 4.69 30.57
C ILE A 246 -26.36 5.12 32.02
N LEU A 247 -25.11 5.47 32.33
CA LEU A 247 -24.74 5.97 33.64
C LEU A 247 -24.12 7.35 33.49
N GLN A 248 -24.12 8.10 34.60
CA GLN A 248 -23.57 9.45 34.74
C GLN A 248 -24.39 10.53 34.03
N GLY A 249 -25.48 10.18 33.36
CA GLY A 249 -26.28 11.15 32.62
C GLY A 249 -25.52 11.86 31.52
N GLU A 250 -25.86 13.14 31.31
CA GLU A 250 -25.30 13.88 30.18
C GLU A 250 -23.78 14.01 30.27
N LYS A 251 -23.23 14.13 31.49
CA LYS A 251 -21.81 14.34 31.60
C LYS A 251 -21.00 13.16 31.07
N GLY A 252 -21.59 11.97 31.09
CA GLY A 252 -20.89 10.81 30.57
C GLY A 252 -21.01 10.61 29.07
N ARG A 253 -21.82 11.41 28.40
CA ARG A 253 -21.92 11.32 26.95
C ARG A 253 -20.68 11.91 26.29
N VAL A 254 -20.44 11.48 25.05
CA VAL A 254 -19.41 12.06 24.21
C VAL A 254 -19.96 13.38 23.67
N GLN A 255 -19.38 14.50 24.11
CA GLN A 255 -19.88 15.84 23.83
C GLN A 255 -18.91 16.61 22.94
N ASN A 256 -19.35 17.80 22.49
CA ASN A 256 -18.48 18.70 21.75
C ASN A 256 -17.13 18.81 22.43
N ASP A 257 -16.06 18.74 21.63
CA ASP A 257 -14.68 18.97 22.03
C ASP A 257 -14.07 17.84 22.85
N ASP A 258 -14.80 16.75 23.06
CA ASP A 258 -14.27 15.64 23.84
C ASP A 258 -13.21 14.87 23.04
N THR A 259 -12.44 14.05 23.77
CA THR A 259 -11.38 13.22 23.23
C THR A 259 -11.71 11.77 23.58
N ILE A 260 -11.45 10.84 22.66
CA ILE A 260 -11.89 9.45 22.86
C ILE A 260 -10.79 8.50 22.39
N ILE A 261 -10.50 7.50 23.23
CA ILE A 261 -9.55 6.43 22.93
C ILE A 261 -10.32 5.12 22.88
N PHE A 262 -10.21 4.41 21.74
CA PHE A 262 -10.67 3.03 21.68
C PHE A 262 -9.51 2.09 22.04
N PHE A 263 -9.76 1.12 22.93
CA PHE A 263 -8.66 0.29 23.42
C PHE A 263 -8.57 -1.08 22.77
N ASP A 264 -9.50 -1.42 21.89
CA ASP A 264 -9.37 -2.68 21.15
C ASP A 264 -8.17 -2.59 20.23
N TYR A 265 -7.37 -3.67 20.19
CA TYR A 265 -6.24 -3.76 19.27
C TYR A 265 -6.57 -4.48 17.96
N ARG A 266 -7.74 -5.10 17.85
CA ARG A 266 -8.14 -5.76 16.60
C ARG A 266 -9.01 -4.79 15.81
N ALA A 267 -8.59 -4.46 14.59
CA ALA A 267 -9.16 -3.36 13.82
C ALA A 267 -10.54 -3.64 13.23
N ASP A 268 -10.85 -4.89 12.87
CA ASP A 268 -11.97 -5.10 11.96
C ASP A 268 -13.30 -4.66 12.57
N ARG A 269 -13.50 -4.91 13.87
CA ARG A 269 -14.76 -4.53 14.52
C ARG A 269 -14.71 -3.17 15.17
N MET A 270 -13.61 -2.43 15.01
CA MET A 270 -13.51 -1.06 15.47
C MET A 270 -13.71 -0.05 14.35
N ARG A 271 -13.68 -0.50 13.09
CA ARG A 271 -13.69 0.44 11.98
C ARG A 271 -14.97 1.27 11.94
N GLU A 272 -16.11 0.65 12.20
CA GLU A 272 -17.39 1.33 12.01
C GLU A 272 -17.66 2.34 13.13
N ILE A 273 -17.57 1.93 14.40
CA ILE A 273 -17.87 2.85 15.48
C ILE A 273 -16.87 4.00 15.51
N SER A 274 -15.60 3.72 15.21
CA SER A 274 -14.59 4.77 15.27
C SER A 274 -14.77 5.76 14.13
N ALA A 275 -15.17 5.27 12.95
CA ALA A 275 -15.42 6.17 11.83
C ALA A 275 -16.67 6.99 12.05
N ALA A 276 -17.67 6.39 12.72
CA ALA A 276 -18.84 7.15 13.12
C ALA A 276 -18.45 8.31 14.02
N MET A 277 -17.53 8.08 14.96
CA MET A 277 -17.15 9.13 15.88
C MET A 277 -16.17 10.12 15.27
N GLY A 278 -15.22 9.64 14.48
CA GLY A 278 -14.07 10.46 14.13
C GLY A 278 -13.98 10.81 12.67
N MET A 279 -14.99 10.39 11.90
CA MET A 279 -15.07 10.82 10.51
C MET A 279 -16.52 11.09 10.15
N ASP A 280 -16.91 10.72 8.94
CA ASP A 280 -18.18 11.14 8.38
C ASP A 280 -19.23 10.06 8.40
N ARG A 281 -18.92 8.88 8.93
CA ARG A 281 -19.88 7.80 8.89
C ARG A 281 -21.01 7.98 9.89
N TYR A 282 -20.98 9.03 10.72
CA TYR A 282 -22.16 9.32 11.53
C TYR A 282 -23.38 9.53 10.66
N LYS A 283 -23.19 10.08 9.45
CA LYS A 283 -24.30 10.21 8.51
C LYS A 283 -24.98 8.87 8.30
N ASP A 284 -24.20 7.79 8.18
CA ASP A 284 -24.76 6.47 7.92
C ASP A 284 -25.62 5.98 9.07
N CYS A 285 -25.37 6.46 10.29
CA CYS A 285 -26.20 6.06 11.42
C CYS A 285 -27.60 6.62 11.32
N ASN A 286 -27.78 7.71 10.56
CA ASN A 286 -29.10 8.26 10.25
C ASN A 286 -29.85 8.63 11.53
N SER A 287 -29.15 9.23 12.46
CA SER A 287 -29.70 9.58 13.76
C SER A 287 -30.25 10.99 13.73
N LYS A 288 -31.26 11.23 14.55
CA LYS A 288 -31.78 12.59 14.76
C LYS A 288 -30.92 13.41 15.71
N LEU A 289 -29.96 12.78 16.40
CA LEU A 289 -29.13 13.51 17.36
C LEU A 289 -28.05 14.30 16.64
N ALA A 290 -27.78 15.50 17.15
CA ALA A 290 -26.67 16.27 16.64
C ALA A 290 -25.37 15.53 16.94
N HIS A 291 -24.50 15.45 15.94
CA HIS A 291 -23.17 14.86 16.13
C HIS A 291 -22.26 15.88 16.83
N PRO A 292 -21.54 15.48 17.87
CA PRO A 292 -20.66 16.46 18.55
C PRO A 292 -19.55 16.93 17.63
N SER A 293 -19.21 18.21 17.77
CA SER A 293 -18.18 18.83 16.96
C SER A 293 -16.81 18.71 17.62
N ASN A 294 -15.77 18.66 16.79
CA ASN A 294 -14.39 18.81 17.24
C ASN A 294 -13.96 17.67 18.17
N LEU A 295 -14.44 16.47 17.88
CA LEU A 295 -13.93 15.29 18.57
C LEU A 295 -12.59 14.89 17.99
N GLN A 296 -11.76 14.30 18.83
CA GLN A 296 -10.53 13.64 18.37
C GLN A 296 -10.58 12.20 18.82
N VAL A 297 -10.27 11.29 17.91
CA VAL A 297 -10.33 9.85 18.15
C VAL A 297 -8.93 9.27 18.08
N TYR A 298 -8.60 8.43 19.07
CA TYR A 298 -7.37 7.64 19.09
C TYR A 298 -7.76 6.16 19.12
N GLY A 299 -6.92 5.32 18.50
CA GLY A 299 -7.10 3.89 18.55
C GLY A 299 -5.93 3.26 19.25
N MET A 300 -6.17 2.09 19.86
CA MET A 300 -5.07 1.32 20.42
C MET A 300 -4.03 0.99 19.36
N THR A 301 -4.51 0.62 18.18
CA THR A 301 -3.68 0.33 17.02
C THR A 301 -4.29 1.04 15.82
N GLN A 302 -3.66 0.89 14.67
CA GLN A 302 -4.17 1.50 13.46
C GLN A 302 -5.40 0.74 12.98
N TYR A 303 -6.52 1.44 12.83
CA TYR A 303 -7.73 0.82 12.36
C TYR A 303 -7.87 0.88 10.85
N LYS A 304 -7.48 2.00 10.24
CA LYS A 304 -7.34 2.13 8.79
C LYS A 304 -6.30 3.22 8.50
N ALA A 305 -5.42 2.95 7.53
CA ALA A 305 -4.43 3.96 7.13
C ALA A 305 -5.13 5.24 6.69
N GLU A 306 -6.30 5.10 6.06
CA GLU A 306 -7.12 6.22 5.58
C GLU A 306 -7.74 7.02 6.71
N PHE A 307 -7.60 6.60 7.96
CA PHE A 307 -8.17 7.36 9.07
C PHE A 307 -7.14 8.36 9.58
N PRO A 308 -7.56 9.55 10.01
CA PRO A 308 -6.61 10.50 10.61
C PRO A 308 -6.22 10.15 12.05
N PHE A 309 -6.70 9.04 12.60
CA PHE A 309 -6.54 8.77 14.04
C PHE A 309 -5.09 8.42 14.39
N LYS A 310 -4.59 9.02 15.48
CA LYS A 310 -3.35 8.56 16.07
C LYS A 310 -3.58 7.20 16.74
N SER A 311 -2.49 6.44 16.90
CA SER A 311 -2.55 5.10 17.46
C SER A 311 -1.57 5.00 18.63
N LEU A 312 -1.98 4.32 19.71
CA LEU A 312 -1.07 4.16 20.83
C LEU A 312 0.11 3.28 20.45
N PHE A 313 -0.13 2.32 19.58
CA PHE A 313 0.87 1.36 19.13
C PHE A 313 0.77 1.31 17.62
N PRO A 314 1.38 2.27 16.94
CA PRO A 314 1.30 2.30 15.50
C PRO A 314 2.11 1.16 14.93
N PRO A 315 1.95 0.84 13.66
CA PRO A 315 2.67 -0.34 13.11
C PRO A 315 4.17 -0.16 13.20
N ALA A 316 4.85 -1.27 13.48
CA ALA A 316 6.30 -1.29 13.37
C ALA A 316 6.68 -0.69 12.02
N SER A 317 7.62 0.24 12.05
CA SER A 317 8.05 0.89 10.81
C SER A 317 8.69 -0.13 9.86
N ASN A 318 9.46 -1.05 10.41
CA ASN A 318 10.08 -2.10 9.60
C ASN A 318 10.94 -1.52 8.47
N LYS A 319 11.75 -0.51 8.81
CA LYS A 319 12.66 0.07 7.84
C LYS A 319 13.86 -0.86 7.64
N ASN A 320 14.37 -0.92 6.42
CA ASN A 320 15.57 -1.70 6.12
C ASN A 320 15.44 -3.19 6.46
N VAL A 321 14.30 -3.79 6.11
CA VAL A 321 14.25 -5.25 5.95
C VAL A 321 15.29 -5.64 4.91
N LEU A 322 15.57 -6.93 4.81
CA LEU A 322 16.67 -7.36 3.92
C LEU A 322 16.44 -6.87 2.48
N ALA A 323 15.20 -6.95 2.00
CA ALA A 323 14.94 -6.57 0.60
C ALA A 323 15.16 -5.07 0.38
N GLU A 324 14.71 -4.24 1.32
CA GLU A 324 14.97 -2.80 1.18
C GLU A 324 16.47 -2.49 1.33
N TRP A 325 17.13 -3.19 2.25
CA TRP A 325 18.53 -2.90 2.55
C TRP A 325 19.43 -3.24 1.37
N LEU A 326 19.23 -4.40 0.74
CA LEU A 326 20.00 -4.73 -0.46
C LEU A 326 19.85 -3.63 -1.52
N ALA A 327 18.62 -3.17 -1.75
CA ALA A 327 18.41 -2.11 -2.74
C ALA A 327 19.13 -0.84 -2.35
N GLU A 328 19.11 -0.51 -1.07
CA GLU A 328 19.80 0.67 -0.58
C GLU A 328 21.30 0.53 -0.77
N GLN A 329 21.82 -0.68 -0.70
CA GLN A 329 23.21 -0.96 -0.95
C GLN A 329 23.53 -1.15 -2.43
N LYS A 330 22.54 -0.98 -3.29
CA LYS A 330 22.68 -1.13 -4.75
C LYS A 330 23.07 -2.55 -5.14
N VAL A 331 22.47 -3.51 -4.46
CA VAL A 331 22.62 -4.93 -4.76
C VAL A 331 21.28 -5.44 -5.23
N SER A 332 21.27 -6.14 -6.38
CA SER A 332 20.04 -6.69 -6.92
C SER A 332 19.70 -8.03 -6.26
N GLN A 333 18.46 -8.49 -6.50
CA GLN A 333 17.93 -9.67 -5.81
C GLN A 333 16.81 -10.31 -6.64
N PHE A 334 16.54 -11.59 -6.32
CA PHE A 334 15.55 -12.41 -7.01
C PHE A 334 14.73 -13.16 -5.97
N HIS A 335 13.40 -13.05 -6.07
CA HIS A 335 12.45 -13.76 -5.20
C HIS A 335 11.55 -14.63 -6.05
N CYS A 336 11.46 -15.92 -5.73
CA CYS A 336 10.71 -16.88 -6.51
C CYS A 336 9.84 -17.77 -5.62
N ALA A 337 8.59 -17.98 -6.02
CA ALA A 337 7.74 -18.93 -5.33
C ALA A 337 6.70 -19.45 -6.30
N GLU A 338 6.06 -20.57 -5.91
CA GLU A 338 4.86 -20.96 -6.60
C GLU A 338 3.65 -20.22 -6.02
N THR A 339 2.53 -20.30 -6.74
CA THR A 339 1.37 -19.43 -6.49
C THR A 339 0.98 -19.39 -5.03
N GLU A 340 0.87 -20.57 -4.40
CA GLU A 340 0.39 -20.64 -3.03
C GLU A 340 1.27 -19.89 -2.04
N LYS A 341 2.53 -19.63 -2.38
CA LYS A 341 3.44 -18.95 -1.46
C LYS A 341 4.01 -17.66 -2.07
N TYR A 342 3.41 -17.18 -3.15
CA TYR A 342 3.93 -16.00 -3.81
C TYR A 342 3.82 -14.76 -2.92
N ALA A 343 2.66 -14.58 -2.27
CA ALA A 343 2.54 -13.50 -1.29
C ALA A 343 3.63 -13.57 -0.25
N HIS A 344 3.99 -14.79 0.18
CA HIS A 344 4.95 -14.94 1.28
C HIS A 344 6.34 -14.46 0.90
N VAL A 345 6.78 -14.66 -0.35
CA VAL A 345 8.09 -14.19 -0.74
C VAL A 345 8.09 -12.75 -1.21
N THR A 346 6.92 -12.10 -1.25
CA THR A 346 6.84 -10.71 -1.68
C THR A 346 6.31 -9.86 -0.53
N PHE A 347 4.98 -9.78 -0.42
CA PHE A 347 4.35 -8.95 0.61
C PHE A 347 4.93 -9.21 2.01
N PHE A 348 5.04 -10.48 2.41
CA PHE A 348 5.43 -10.80 3.78
C PHE A 348 6.94 -10.70 3.99
N PHE A 349 7.73 -11.32 3.11
CA PHE A 349 9.18 -11.20 3.18
C PHE A 349 9.64 -9.72 3.18
N ASN A 350 8.99 -8.88 2.38
CA ASN A 350 9.41 -7.50 2.26
C ASN A 350 8.92 -6.61 3.37
N GLY A 351 8.30 -7.17 4.41
CA GLY A 351 7.97 -6.39 5.59
C GLY A 351 6.49 -6.26 5.90
N GLY A 352 5.64 -6.98 5.16
CA GLY A 352 4.21 -6.99 5.42
C GLY A 352 3.48 -5.85 4.74
N LEU A 353 3.88 -5.54 3.51
CA LEU A 353 3.26 -4.48 2.72
C LEU A 353 3.50 -4.81 1.25
N GLU A 354 2.79 -4.13 0.37
CA GLU A 354 2.93 -4.39 -1.06
C GLU A 354 3.94 -3.36 -1.56
N LYS A 355 5.20 -3.77 -1.68
CA LYS A 355 6.27 -2.89 -2.11
C LYS A 355 7.35 -3.74 -2.74
N GLN A 356 7.79 -3.35 -3.93
CA GLN A 356 8.86 -4.03 -4.63
C GLN A 356 10.01 -3.04 -4.76
N PHE A 357 11.17 -3.43 -4.27
CA PHE A 357 12.29 -2.51 -4.18
C PHE A 357 13.07 -2.49 -5.50
N GLU A 358 13.80 -1.39 -5.71
CA GLU A 358 14.66 -1.25 -6.86
C GLU A 358 15.67 -2.38 -6.91
N GLY A 359 15.85 -2.96 -8.10
CA GLY A 359 16.70 -4.11 -8.30
C GLY A 359 16.10 -5.46 -7.96
N GLU A 360 14.89 -5.50 -7.39
CA GLU A 360 14.25 -6.75 -7.01
C GLU A 360 13.48 -7.33 -8.19
N GLU A 361 13.84 -8.55 -8.59
CA GLU A 361 13.15 -9.28 -9.65
C GLU A 361 12.33 -10.40 -9.01
N ARG A 362 11.11 -10.58 -9.51
CA ARG A 362 10.16 -11.55 -8.98
C ARG A 362 9.79 -12.59 -10.04
N CYS A 363 9.50 -13.79 -9.58
CA CYS A 363 9.17 -14.91 -10.45
C CYS A 363 8.10 -15.78 -9.79
N LEU A 364 6.96 -15.92 -10.47
CA LEU A 364 5.85 -16.74 -10.02
C LEU A 364 5.79 -18.00 -10.88
N VAL A 365 5.77 -19.14 -10.22
CA VAL A 365 5.63 -20.45 -10.86
C VAL A 365 4.20 -20.91 -10.57
N PRO A 366 3.40 -21.25 -11.58
CA PRO A 366 2.02 -21.67 -11.31
C PRO A 366 1.96 -22.94 -10.46
N SER A 367 1.14 -22.91 -9.42
CA SER A 367 0.84 -24.13 -8.68
C SER A 367 -0.08 -25.03 -9.52
N PRO A 368 -0.06 -26.34 -9.27
CA PRO A 368 -0.89 -27.24 -10.06
C PRO A 368 -2.37 -27.01 -9.79
N LYS A 369 -3.18 -27.19 -10.83
CA LYS A 369 -4.63 -27.02 -10.72
C LYS A 369 -5.25 -28.38 -10.40
N VAL A 370 -5.25 -28.71 -9.11
CA VAL A 370 -5.86 -29.92 -8.60
C VAL A 370 -6.74 -29.55 -7.42
N ALA A 371 -7.71 -30.41 -7.13
CA ALA A 371 -8.66 -30.11 -6.06
C ALA A 371 -7.96 -29.94 -4.72
N THR A 372 -7.07 -30.89 -4.38
CA THR A 372 -6.26 -30.86 -3.17
C THR A 372 -4.85 -31.30 -3.51
N TYR A 373 -3.89 -30.81 -2.75
CA TYR A 373 -2.49 -30.96 -3.14
C TYR A 373 -1.93 -32.34 -2.84
N ASP A 374 -2.62 -33.16 -2.04
CA ASP A 374 -2.19 -34.55 -1.91
C ASP A 374 -2.31 -35.30 -3.23
N LEU A 375 -3.09 -34.76 -4.19
CA LEU A 375 -3.20 -35.37 -5.51
C LEU A 375 -2.01 -35.05 -6.41
N GLN A 376 -1.22 -34.03 -6.08
CA GLN A 376 0.07 -33.78 -6.73
C GLN A 376 1.05 -33.27 -5.69
N PRO A 377 1.56 -34.17 -4.84
CA PRO A 377 2.34 -33.72 -3.69
C PRO A 377 3.64 -33.02 -4.04
N GLU A 378 4.20 -33.24 -5.24
CA GLU A 378 5.39 -32.51 -5.63
C GLU A 378 5.11 -31.06 -5.96
N MET A 379 3.83 -30.69 -6.01
CA MET A 379 3.34 -29.39 -6.48
C MET A 379 4.16 -28.88 -7.65
N SER A 380 4.70 -27.67 -7.55
CA SER A 380 5.55 -27.11 -8.61
C SER A 380 6.96 -26.86 -8.14
N ALA A 381 7.45 -27.68 -7.20
CA ALA A 381 8.80 -27.49 -6.68
C ALA A 381 9.84 -27.58 -7.80
N ALA A 382 9.61 -28.48 -8.75
CA ALA A 382 10.56 -28.63 -9.85
C ALA A 382 10.68 -27.35 -10.67
N GLY A 383 9.55 -26.68 -10.91
CA GLY A 383 9.59 -25.43 -11.65
C GLY A 383 10.31 -24.34 -10.89
N VAL A 384 10.08 -24.23 -9.58
CA VAL A 384 10.80 -23.26 -8.76
C VAL A 384 12.30 -23.51 -8.85
N ALA A 385 12.72 -24.78 -8.77
CA ALA A 385 14.15 -25.05 -8.85
C ALA A 385 14.71 -24.69 -10.22
N ASP A 386 13.95 -25.00 -11.28
CA ASP A 386 14.35 -24.63 -12.63
C ASP A 386 14.62 -23.12 -12.73
N LYS A 387 13.73 -22.31 -12.16
CA LYS A 387 13.90 -20.86 -12.25
C LYS A 387 15.09 -20.40 -11.43
N MET A 388 15.30 -20.99 -10.24
CA MET A 388 16.46 -20.63 -9.45
C MET A 388 17.75 -21.05 -10.15
N ILE A 389 17.75 -22.21 -10.78
CA ILE A 389 18.98 -22.70 -11.40
C ILE A 389 19.36 -21.79 -12.55
N GLU A 390 18.38 -21.26 -13.26
CA GLU A 390 18.63 -20.34 -14.36
C GLU A 390 19.26 -19.04 -13.85
N GLN A 391 18.80 -18.55 -12.70
CA GLN A 391 19.42 -17.38 -12.08
C GLN A 391 20.83 -17.66 -11.59
N LEU A 392 21.07 -18.87 -11.08
CA LEU A 392 22.43 -19.20 -10.65
C LEU A 392 23.38 -19.26 -11.84
N GLU A 393 22.91 -19.82 -12.96
CA GLU A 393 23.71 -19.88 -14.18
C GLU A 393 23.96 -18.48 -14.73
N ALA A 394 22.96 -17.60 -14.68
CA ALA A 394 23.14 -16.23 -15.17
C ALA A 394 24.11 -15.46 -14.27
N GLY A 395 24.08 -15.71 -12.97
CA GLY A 395 24.92 -14.96 -12.04
C GLY A 395 24.53 -13.51 -11.83
N THR A 396 23.35 -13.10 -12.30
CA THR A 396 23.01 -11.68 -12.30
C THR A 396 22.84 -11.13 -10.88
N HIS A 397 22.25 -11.91 -9.99
CA HIS A 397 21.76 -11.38 -8.73
C HIS A 397 22.57 -11.94 -7.58
N PRO A 398 23.22 -11.09 -6.77
CA PRO A 398 24.05 -11.63 -5.68
C PRO A 398 23.25 -12.26 -4.55
N PHE A 399 21.95 -11.98 -4.46
CA PHE A 399 21.08 -12.63 -3.49
C PHE A 399 19.86 -13.14 -4.24
N ILE A 400 19.64 -14.45 -4.17
CA ILE A 400 18.42 -15.03 -4.69
C ILE A 400 17.79 -15.88 -3.61
N MET A 401 16.47 -15.94 -3.63
CA MET A 401 15.73 -16.70 -2.63
C MET A 401 14.47 -17.27 -3.24
N CYS A 402 14.06 -18.42 -2.72
CA CYS A 402 12.82 -19.04 -3.14
C CYS A 402 12.11 -19.65 -1.95
N ASN A 403 10.85 -20.02 -2.18
CA ASN A 403 10.07 -20.81 -1.26
C ASN A 403 9.76 -22.16 -1.90
N PHE A 404 9.75 -23.23 -1.09
CA PHE A 404 9.23 -24.53 -1.52
C PHE A 404 7.99 -24.84 -0.70
N ALA A 405 6.86 -24.89 -1.37
CA ALA A 405 5.53 -25.01 -0.79
C ALA A 405 5.13 -26.41 -0.30
N PRO A 406 5.60 -27.50 -0.91
CA PRO A 406 4.95 -28.82 -0.70
C PRO A 406 4.86 -29.23 0.77
N PRO A 407 5.94 -29.17 1.55
CA PRO A 407 5.83 -29.72 2.93
C PRO A 407 4.71 -29.07 3.70
N ASP A 408 4.53 -27.76 3.58
CA ASP A 408 3.44 -27.10 4.30
C ASP A 408 2.09 -27.43 3.68
N MET A 409 1.98 -27.30 2.35
CA MET A 409 0.67 -27.38 1.72
C MET A 409 0.14 -28.81 1.70
N VAL A 410 1.03 -29.79 1.49
CA VAL A 410 0.58 -31.17 1.59
C VAL A 410 0.41 -31.57 3.05
N GLY A 411 1.26 -31.04 3.94
CA GLY A 411 1.08 -31.26 5.36
C GLY A 411 -0.32 -30.93 5.86
N HIS A 412 -0.90 -29.83 5.38
CA HIS A 412 -2.26 -29.44 5.74
C HIS A 412 -3.32 -30.43 5.28
N THR A 413 -3.06 -31.29 4.29
CA THR A 413 -4.05 -32.29 3.93
C THR A 413 -4.14 -33.41 4.95
N GLY A 414 -3.11 -33.53 5.80
CA GLY A 414 -3.01 -34.59 6.77
C GLY A 414 -2.77 -35.97 6.20
N VAL A 415 -2.50 -36.11 4.90
CA VAL A 415 -2.26 -37.41 4.29
C VAL A 415 -0.78 -37.72 4.41
N TYR A 416 -0.44 -38.68 5.29
CA TYR A 416 0.95 -38.96 5.62
C TYR A 416 1.77 -39.37 4.40
N GLU A 417 1.28 -40.30 3.58
CA GLU A 417 2.08 -40.79 2.46
C GLU A 417 2.29 -39.70 1.41
N ALA A 418 1.29 -38.84 1.21
CA ALA A 418 1.46 -37.70 0.32
C ALA A 418 2.49 -36.73 0.88
N ALA A 419 2.46 -36.51 2.20
CA ALA A 419 3.45 -35.64 2.83
C ALA A 419 4.86 -36.18 2.64
N VAL A 420 5.04 -37.51 2.70
CA VAL A 420 6.36 -38.09 2.46
C VAL A 420 6.84 -37.76 1.03
N LYS A 421 5.98 -37.94 0.04
CA LYS A 421 6.32 -37.63 -1.35
C LYS A 421 6.59 -36.14 -1.52
N ALA A 422 5.82 -35.30 -0.85
CA ALA A 422 6.06 -33.87 -0.88
C ALA A 422 7.48 -33.56 -0.42
N CYS A 423 7.92 -34.17 0.70
CA CYS A 423 9.27 -33.94 1.20
C CYS A 423 10.34 -34.55 0.31
N GLU A 424 10.05 -35.68 -0.35
CA GLU A 424 11.04 -36.24 -1.27
C GLU A 424 11.25 -35.35 -2.47
N ALA A 425 10.17 -34.82 -3.04
CA ALA A 425 10.28 -33.89 -4.17
C ALA A 425 11.00 -32.61 -3.76
N THR A 426 10.70 -32.10 -2.57
CA THR A 426 11.40 -30.92 -2.09
C THR A 426 12.89 -31.19 -1.95
N ASP A 427 13.26 -32.33 -1.38
CA ASP A 427 14.68 -32.65 -1.24
C ASP A 427 15.36 -32.74 -2.60
N ILE A 428 14.70 -33.33 -3.59
CA ILE A 428 15.26 -33.42 -4.95
C ILE A 428 15.53 -32.02 -5.49
N ALA A 429 14.56 -31.13 -5.33
CA ALA A 429 14.70 -29.77 -5.81
C ALA A 429 15.87 -29.06 -5.12
N ILE A 430 15.97 -29.21 -3.79
CA ILE A 430 17.09 -28.62 -3.06
C ILE A 430 18.41 -29.12 -3.60
N GLY A 431 18.52 -30.44 -3.82
CA GLY A 431 19.75 -30.99 -4.36
C GLY A 431 20.15 -30.38 -5.68
N ARG A 432 19.18 -30.19 -6.57
CA ARG A 432 19.47 -29.59 -7.87
C ARG A 432 19.93 -28.13 -7.72
N ILE A 433 19.34 -27.39 -6.79
CA ILE A 433 19.82 -26.02 -6.55
C ILE A 433 21.23 -26.04 -5.97
N TYR A 434 21.47 -26.94 -5.01
CA TYR A 434 22.78 -27.02 -4.39
C TYR A 434 23.87 -27.30 -5.43
N GLU A 435 23.62 -28.24 -6.34
CA GLU A 435 24.63 -28.55 -7.34
C GLU A 435 24.91 -27.33 -8.20
N ALA A 436 23.87 -26.58 -8.52
CA ALA A 436 24.05 -25.37 -9.31
C ALA A 436 24.82 -24.30 -8.53
N THR A 437 24.57 -24.13 -7.22
CA THR A 437 25.31 -23.12 -6.47
C THR A 437 26.79 -23.46 -6.40
N GLN A 438 27.13 -24.74 -6.34
CA GLN A 438 28.53 -25.12 -6.30
C GLN A 438 29.19 -24.91 -7.66
N LYS A 439 28.44 -25.15 -8.73
CA LYS A 439 28.97 -24.92 -10.06
C LYS A 439 29.19 -23.44 -10.33
N HIS A 440 28.27 -22.59 -9.86
CA HIS A 440 28.22 -21.20 -10.28
C HIS A 440 28.64 -20.21 -9.18
N GLY A 441 29.21 -20.68 -8.08
CA GLY A 441 29.84 -19.78 -7.14
C GLY A 441 28.92 -19.04 -6.19
N TYR A 442 27.84 -19.68 -5.74
CA TYR A 442 26.98 -19.16 -4.68
C TYR A 442 27.14 -20.01 -3.42
N SER A 443 26.96 -19.38 -2.27
CA SER A 443 26.79 -20.10 -1.03
C SER A 443 25.31 -20.38 -0.83
N LEU A 444 24.99 -21.58 -0.37
CA LEU A 444 23.60 -22.00 -0.19
C LEU A 444 23.29 -21.99 1.28
N MET A 445 22.16 -21.39 1.62
CA MET A 445 21.60 -21.49 2.96
C MET A 445 20.17 -21.99 2.82
N VAL A 446 19.82 -23.02 3.58
CA VAL A 446 18.47 -23.57 3.60
C VAL A 446 17.90 -23.36 5.00
N THR A 447 16.68 -22.85 5.07
CA THR A 447 15.98 -22.72 6.33
C THR A 447 14.52 -23.07 6.09
N ALA A 448 13.69 -22.83 7.10
CA ALA A 448 12.25 -22.96 6.93
C ALA A 448 11.56 -21.87 7.73
N ASP A 449 10.27 -21.68 7.44
CA ASP A 449 9.50 -20.60 8.05
C ASP A 449 8.79 -21.04 9.32
N HIS A 450 8.67 -22.35 9.54
CA HIS A 450 8.04 -22.99 10.68
C HIS A 450 7.95 -24.47 10.30
N GLY A 451 7.66 -25.34 11.25
CA GLY A 451 7.42 -26.74 10.93
C GLY A 451 5.97 -27.08 10.54
N ASN A 452 5.82 -28.31 10.02
CA ASN A 452 4.51 -28.88 9.70
C ASN A 452 4.68 -30.37 9.43
N ALA A 453 5.39 -30.70 8.35
CA ALA A 453 5.40 -32.07 7.84
C ALA A 453 6.13 -33.05 8.75
N GLU A 454 6.93 -32.56 9.69
CA GLU A 454 7.60 -33.47 10.63
C GLU A 454 6.64 -34.06 11.65
N LYS A 455 5.39 -33.61 11.68
CA LYS A 455 4.40 -34.12 12.62
C LYS A 455 3.06 -34.27 11.88
N MET A 456 2.86 -35.42 11.26
CA MET A 456 1.65 -35.68 10.51
C MET A 456 0.61 -36.47 11.30
N LYS A 457 0.96 -36.98 12.47
CA LYS A 457 0.06 -37.82 13.26
C LYS A 457 0.00 -37.31 14.69
N ALA A 458 -1.21 -37.19 15.21
CA ALA A 458 -1.39 -36.98 16.63
C ALA A 458 -1.07 -38.28 17.35
N PRO A 459 -0.89 -38.25 18.67
CA PRO A 459 -0.50 -39.47 19.41
C PRO A 459 -1.52 -40.61 19.29
N ASP A 460 -2.80 -40.30 19.11
CA ASP A 460 -3.81 -41.33 18.99
C ASP A 460 -3.84 -41.95 17.61
N GLY A 461 -2.88 -41.57 16.75
CA GLY A 461 -2.83 -42.05 15.40
C GLY A 461 -3.60 -41.23 14.40
N GLY A 462 -4.39 -40.25 14.84
CA GLY A 462 -5.15 -39.44 13.92
C GLY A 462 -4.28 -38.44 13.16
N LYS A 463 -4.88 -37.81 12.16
CA LYS A 463 -4.17 -36.86 11.32
C LYS A 463 -3.83 -35.59 12.09
N HIS A 464 -2.63 -35.06 11.83
CA HIS A 464 -2.22 -33.74 12.30
C HIS A 464 -2.04 -32.84 11.08
N THR A 465 -2.91 -31.83 10.94
CA THR A 465 -2.94 -30.94 9.78
C THR A 465 -2.37 -29.55 10.06
N ALA A 466 -1.73 -29.33 11.20
CA ALA A 466 -1.35 -27.98 11.62
C ALA A 466 0.17 -27.78 11.55
N HIS A 467 0.57 -26.51 11.58
CA HIS A 467 1.96 -26.14 11.81
C HIS A 467 2.40 -26.59 13.22
N THR A 468 3.69 -26.44 13.53
CA THR A 468 4.23 -26.92 14.79
C THR A 468 5.07 -25.86 15.46
N CYS A 469 5.59 -26.24 16.64
CA CYS A 469 6.52 -25.42 17.41
C CYS A 469 7.94 -25.95 17.38
N TYR A 470 8.24 -26.90 16.49
CA TYR A 470 9.61 -27.38 16.40
C TYR A 470 10.53 -26.31 15.82
N ARG A 471 11.82 -26.48 16.06
CA ARG A 471 12.83 -25.64 15.44
C ARG A 471 12.90 -25.94 13.93
N VAL A 472 13.54 -25.05 13.20
CA VAL A 472 13.75 -25.22 11.76
C VAL A 472 15.25 -25.24 11.52
N PRO A 473 15.69 -25.80 10.41
CA PRO A 473 17.12 -25.81 10.11
C PRO A 473 17.60 -24.45 9.62
N LEU A 474 18.90 -24.23 9.80
CA LEU A 474 19.63 -23.23 9.04
C LEU A 474 20.95 -23.89 8.65
N THR A 475 21.16 -24.05 7.35
CA THR A 475 22.36 -24.67 6.80
C THR A 475 23.18 -23.62 6.07
N LEU A 476 24.44 -23.95 5.82
CA LEU A 476 25.32 -23.06 5.10
C LEU A 476 26.42 -23.87 4.45
N SER A 477 26.56 -23.76 3.13
CA SER A 477 27.54 -24.55 2.40
C SER A 477 28.95 -23.98 2.47
N HIS A 478 29.11 -22.72 2.85
CA HIS A 478 30.42 -22.07 2.84
C HIS A 478 31.26 -22.61 4.01
N PRO A 479 32.42 -23.22 3.76
CA PRO A 479 33.22 -23.78 4.87
C PRO A 479 34.07 -22.76 5.61
N GLY A 480 34.04 -21.49 5.22
CA GLY A 480 34.76 -20.45 5.91
C GLY A 480 34.08 -19.92 7.15
N PHE A 481 32.91 -20.44 7.51
CA PHE A 481 32.13 -19.91 8.62
C PHE A 481 31.64 -21.06 9.48
N LYS A 482 31.53 -20.81 10.78
CA LYS A 482 30.86 -21.75 11.66
C LYS A 482 29.69 -21.07 12.38
N PHE A 483 28.66 -21.85 12.67
CA PHE A 483 27.53 -21.32 13.42
C PHE A 483 27.90 -21.12 14.88
N VAL A 484 27.36 -20.06 15.46
CA VAL A 484 27.52 -19.73 16.87
C VAL A 484 26.18 -19.20 17.35
N ASP A 485 25.74 -19.66 18.50
CA ASP A 485 24.44 -19.22 19.00
C ASP A 485 24.55 -17.85 19.65
N PRO A 486 23.45 -17.11 19.74
CA PRO A 486 23.47 -15.83 20.46
C PRO A 486 23.73 -16.06 21.94
N ALA A 487 24.19 -15.00 22.60
CA ALA A 487 24.66 -15.12 23.99
C ALA A 487 23.52 -15.44 24.95
N ASP A 488 22.35 -14.85 24.73
CA ASP A 488 21.33 -14.71 25.77
C ASP A 488 20.00 -15.34 25.41
N ARG A 489 19.92 -16.04 24.29
CA ARG A 489 18.66 -16.60 23.79
C ARG A 489 19.00 -17.61 22.72
N HIS A 490 18.01 -18.42 22.38
CA HIS A 490 18.13 -19.30 21.24
C HIS A 490 18.14 -18.50 19.95
N PRO A 491 18.86 -18.96 18.92
CA PRO A 491 18.73 -18.33 17.60
C PRO A 491 17.33 -18.52 17.07
N ALA A 492 16.93 -17.61 16.17
CA ALA A 492 15.57 -17.54 15.68
C ALA A 492 15.57 -17.00 14.26
N LEU A 493 14.37 -16.92 13.67
CA LEU A 493 14.25 -16.42 12.30
C LEU A 493 14.80 -15.01 12.13
N CYS A 494 14.69 -14.15 13.16
CA CYS A 494 15.28 -12.80 13.11
C CYS A 494 16.79 -12.80 12.89
N ASP A 495 17.45 -13.93 13.09
CA ASP A 495 18.89 -14.00 12.87
C ASP A 495 19.28 -14.41 11.44
N VAL A 496 18.32 -14.77 10.59
CA VAL A 496 18.68 -15.24 9.25
C VAL A 496 19.22 -14.10 8.39
N ALA A 497 18.50 -12.98 8.33
CA ALA A 497 18.94 -11.88 7.47
C ALA A 497 20.27 -11.31 7.91
N PRO A 498 20.52 -11.01 9.18
CA PRO A 498 21.87 -10.57 9.58
C PRO A 498 22.96 -11.57 9.19
N THR A 499 22.66 -12.86 9.27
CA THR A 499 23.63 -13.87 8.90
C THR A 499 23.92 -13.83 7.41
N VAL A 500 22.87 -13.70 6.58
CA VAL A 500 23.04 -13.51 5.14
C VAL A 500 23.97 -12.33 4.88
N LEU A 501 23.70 -11.20 5.55
CA LEU A 501 24.48 -10.01 5.26
C LEU A 501 25.94 -10.23 5.62
N ALA A 502 26.19 -10.92 6.74
CA ALA A 502 27.56 -11.17 7.18
C ALA A 502 28.30 -12.01 6.15
N ILE A 503 27.64 -13.03 5.62
CA ILE A 503 28.26 -13.89 4.60
C ILE A 503 28.47 -13.11 3.32
N MET A 504 27.51 -12.28 2.93
CA MET A 504 27.65 -11.45 1.75
C MET A 504 28.68 -10.33 1.92
N GLY A 505 29.12 -10.07 3.14
CA GLY A 505 30.13 -9.04 3.35
C GLY A 505 29.57 -7.65 3.32
N LEU A 506 28.29 -7.51 3.67
CA LEU A 506 27.59 -6.27 3.59
C LEU A 506 27.31 -5.74 4.99
N PRO A 507 27.08 -4.43 5.11
CA PRO A 507 26.75 -3.86 6.43
C PRO A 507 25.39 -4.35 6.93
N GLN A 508 25.21 -4.22 8.26
CA GLN A 508 23.94 -4.54 8.86
C GLN A 508 23.28 -3.25 9.29
N PRO A 509 22.05 -2.95 8.88
CA PRO A 509 21.40 -1.72 9.32
C PRO A 509 21.10 -1.78 10.81
N ALA A 510 21.10 -0.60 11.45
CA ALA A 510 20.76 -0.54 12.88
C ALA A 510 19.36 -1.07 13.16
N GLU A 511 18.45 -0.97 12.19
CA GLU A 511 17.07 -1.46 12.40
C GLU A 511 16.98 -2.98 12.54
N MET A 512 17.94 -3.74 12.01
CA MET A 512 17.98 -5.19 12.22
C MET A 512 18.64 -5.45 13.57
N THR A 513 17.81 -5.81 14.56
CA THR A 513 18.26 -6.11 15.91
C THR A 513 18.45 -7.61 16.14
N GLY A 514 18.16 -8.43 15.15
CA GLY A 514 18.73 -9.78 15.12
C GLY A 514 20.25 -9.70 14.99
N VAL A 515 20.89 -10.85 15.15
CA VAL A 515 22.33 -10.94 15.12
C VAL A 515 22.77 -12.04 14.15
N SER A 516 23.93 -11.84 13.54
CA SER A 516 24.52 -12.90 12.76
C SER A 516 24.91 -14.05 13.68
N ILE A 517 24.60 -15.27 13.24
CA ILE A 517 24.91 -16.43 14.06
C ILE A 517 25.94 -17.29 13.36
N VAL A 518 26.79 -16.67 12.54
CA VAL A 518 27.99 -17.32 12.05
C VAL A 518 29.21 -16.48 12.45
N GLN A 519 30.36 -17.14 12.39
CA GLN A 519 31.66 -16.56 12.71
C GLN A 519 32.66 -17.10 11.71
N LYS A 520 33.50 -16.23 11.15
CA LYS A 520 34.55 -16.73 10.26
C LYS A 520 35.51 -17.61 11.04
N ILE A 521 35.94 -18.70 10.40
CA ILE A 521 36.83 -19.65 11.08
C ILE A 521 38.09 -18.96 11.57
N LYS A 522 38.71 -18.12 10.73
CA LYS A 522 39.90 -17.39 11.15
C LYS A 522 39.64 -16.64 12.44
N LEU A 523 38.52 -15.92 12.50
CA LEU A 523 38.21 -15.14 13.69
C LEU A 523 37.91 -16.04 14.89
N ALA A 524 37.20 -17.15 14.66
CA ALA A 524 37.03 -18.13 15.73
C ALA A 524 38.38 -18.68 16.20
N ALA A 525 39.28 -18.91 15.25
CA ALA A 525 40.60 -19.43 15.60
C ALA A 525 41.38 -18.44 16.46
N ALA A 526 41.33 -17.14 16.11
CA ALA A 526 41.99 -16.14 16.94
C ALA A 526 41.32 -16.06 18.31
N LEU A 527 39.98 -16.12 18.35
CA LEU A 527 39.28 -16.05 19.63
C LEU A 527 39.62 -17.25 20.51
N GLU A 528 39.74 -18.44 19.90
CA GLU A 528 40.12 -19.63 20.65
C GLU A 528 41.51 -19.47 21.26
N HIS A 529 42.53 -19.30 20.41
CA HIS A 529 43.92 -19.26 20.86
C HIS A 529 44.24 -18.08 21.77
N HIS A 530 43.32 -17.15 21.96
CA HIS A 530 43.59 -15.93 22.73
C HIS A 530 42.67 -15.73 23.92
N HIS A 531 41.56 -16.47 24.01
CA HIS A 531 40.53 -16.20 25.02
C HIS A 531 39.91 -17.48 25.58
N MET B 1 9.69 18.42 22.21
CA MET B 1 9.50 18.74 20.80
C MET B 1 9.00 17.53 20.00
N ALA B 2 8.12 17.80 19.03
CA ALA B 2 7.50 16.73 18.28
C ALA B 2 8.52 15.92 17.48
N MET B 3 9.56 16.58 16.97
CA MET B 3 10.68 15.91 16.34
C MET B 3 11.95 16.70 16.62
N ALA B 4 13.08 15.99 16.61
CA ALA B 4 14.28 16.45 17.30
C ALA B 4 14.84 17.74 16.73
N ASN B 5 14.63 18.00 15.43
CA ASN B 5 15.22 19.16 14.79
C ASN B 5 14.24 20.31 14.60
N ASN B 6 13.08 20.26 15.24
CA ASN B 6 12.09 21.32 15.04
C ASN B 6 12.68 22.70 15.34
N SER B 7 13.46 22.81 16.42
CA SER B 7 14.01 24.12 16.79
C SER B 7 15.14 24.57 15.89
N SER B 8 15.60 23.73 14.97
CA SER B 8 16.67 24.12 14.08
C SER B 8 16.18 24.91 12.88
N VAL B 9 14.86 24.93 12.63
CA VAL B 9 14.31 25.53 11.43
C VAL B 9 14.45 27.05 11.48
N ALA B 10 14.85 27.64 10.35
CA ALA B 10 15.05 29.07 10.30
C ALA B 10 13.73 29.83 10.33
N ASN B 11 12.74 29.37 9.56
CA ASN B 11 11.42 30.00 9.53
C ASN B 11 10.34 28.94 9.51
N LYS B 12 9.40 29.01 10.46
CA LYS B 12 8.24 28.14 10.39
C LYS B 12 7.31 28.62 9.30
N VAL B 13 6.72 27.69 8.55
CA VAL B 13 5.94 28.02 7.37
C VAL B 13 4.55 27.39 7.48
N CYS B 14 3.53 28.19 7.22
CA CYS B 14 2.16 27.71 7.05
C CYS B 14 1.81 27.81 5.56
N LEU B 15 1.46 26.69 4.94
CA LEU B 15 1.15 26.64 3.52
C LEU B 15 -0.34 26.35 3.32
N ILE B 16 -1.05 27.30 2.71
CA ILE B 16 -2.45 27.14 2.34
C ILE B 16 -2.54 26.79 0.86
N VAL B 17 -3.16 25.64 0.54
CA VAL B 17 -3.50 25.26 -0.82
C VAL B 17 -4.99 25.51 -1.01
N ILE B 18 -5.33 26.61 -1.67
CA ILE B 18 -6.70 26.84 -2.04
C ILE B 18 -7.02 25.91 -3.20
N ASP B 19 -8.17 25.26 -3.14
CA ASP B 19 -8.61 24.39 -4.22
C ASP B 19 -9.45 25.17 -5.24
N GLY B 20 -8.99 25.19 -6.48
CA GLY B 20 -9.71 25.80 -7.59
C GLY B 20 -9.72 27.32 -7.62
N TRP B 21 -8.58 27.95 -7.34
CA TRP B 21 -8.43 29.41 -7.28
C TRP B 21 -7.34 29.85 -8.25
N GLY B 22 -7.74 30.25 -9.46
CA GLY B 22 -6.79 30.68 -10.47
C GLY B 22 -6.77 32.17 -10.72
N VAL B 23 -5.71 32.64 -11.39
CA VAL B 23 -5.47 34.06 -11.63
C VAL B 23 -6.01 34.39 -13.03
N SER B 24 -7.04 35.21 -13.09
CA SER B 24 -7.60 35.65 -14.35
C SER B 24 -8.02 37.11 -14.19
N GLU B 25 -7.52 37.97 -15.07
CA GLU B 25 -7.87 39.38 -15.02
C GLU B 25 -9.18 39.68 -15.71
N ASP B 26 -9.78 38.71 -16.40
CA ASP B 26 -11.09 38.90 -17.00
C ASP B 26 -12.14 38.79 -15.92
N PRO B 27 -12.98 39.82 -15.70
CA PRO B 27 -13.98 39.73 -14.63
C PRO B 27 -15.25 38.97 -14.98
N TYR B 28 -15.50 38.64 -16.25
CA TYR B 28 -16.77 38.02 -16.61
C TYR B 28 -16.89 36.62 -15.99
N GLY B 29 -17.90 36.42 -15.15
CA GLY B 29 -18.07 35.15 -14.47
C GLY B 29 -16.93 34.76 -13.55
N ASN B 30 -16.10 35.73 -13.16
CA ASN B 30 -14.94 35.49 -12.31
C ASN B 30 -15.40 35.65 -10.88
N ALA B 31 -15.73 34.52 -10.23
CA ALA B 31 -16.25 34.57 -8.87
C ALA B 31 -15.22 35.06 -7.86
N ILE B 32 -13.93 34.90 -8.16
CA ILE B 32 -12.87 35.37 -7.27
C ILE B 32 -12.77 36.89 -7.36
N LEU B 33 -12.58 37.42 -8.56
CA LEU B 33 -12.49 38.86 -8.73
C LEU B 33 -13.72 39.57 -8.15
N ASN B 34 -14.92 39.04 -8.42
CA ASN B 34 -16.14 39.73 -8.04
C ASN B 34 -16.54 39.51 -6.58
N ALA B 35 -16.05 38.45 -5.96
CA ALA B 35 -16.22 38.26 -4.53
C ALA B 35 -15.43 39.31 -3.76
N GLN B 36 -15.93 39.63 -2.57
CA GLN B 36 -15.13 40.39 -1.60
C GLN B 36 -13.99 39.50 -1.12
N THR B 37 -12.78 39.76 -1.62
CA THR B 37 -11.58 39.02 -1.25
C THR B 37 -10.48 39.97 -0.80
N PRO B 38 -10.75 40.80 0.22
CA PRO B 38 -9.73 41.79 0.64
C PRO B 38 -8.43 41.18 1.13
N VAL B 39 -8.46 40.01 1.74
CA VAL B 39 -7.22 39.39 2.23
C VAL B 39 -6.34 38.97 1.08
N MET B 40 -6.89 38.21 0.13
CA MET B 40 -6.08 37.76 -1.00
C MET B 40 -5.73 38.93 -1.92
N ASP B 41 -6.55 39.98 -1.96
CA ASP B 41 -6.18 41.18 -2.70
C ASP B 41 -4.90 41.78 -2.15
N LYS B 42 -4.69 41.71 -0.82
CA LYS B 42 -3.47 42.23 -0.22
C LYS B 42 -2.32 41.25 -0.39
N LEU B 43 -2.57 39.95 -0.11
CA LEU B 43 -1.50 38.97 -0.23
C LEU B 43 -1.01 38.85 -1.66
N CYS B 44 -1.93 38.91 -2.63
CA CYS B 44 -1.58 38.87 -4.05
C CYS B 44 -1.32 40.29 -4.58
N SER B 45 -0.38 40.96 -3.92
CA SER B 45 0.16 42.23 -4.37
C SER B 45 1.61 42.31 -3.91
N GLY B 46 2.35 43.23 -4.50
CA GLY B 46 3.74 43.41 -4.14
C GLY B 46 4.56 42.20 -4.52
N ASN B 47 5.20 41.58 -3.54
CA ASN B 47 6.01 40.40 -3.80
C ASN B 47 5.12 39.16 -3.79
N TRP B 48 4.69 38.72 -4.96
CA TRP B 48 3.98 37.46 -5.14
C TRP B 48 4.27 36.93 -6.54
N ALA B 49 3.99 35.65 -6.74
CA ALA B 49 4.23 34.99 -8.01
C ALA B 49 2.93 34.40 -8.55
N GLN B 50 2.92 34.17 -9.86
CA GLN B 50 1.87 33.42 -10.55
C GLN B 50 2.54 32.25 -11.24
N ILE B 51 2.08 31.03 -10.92
CA ILE B 51 2.81 29.83 -11.31
C ILE B 51 1.87 28.91 -12.07
N GLU B 52 2.46 28.07 -12.92
CA GLU B 52 1.65 27.23 -13.79
C GLU B 52 1.18 25.96 -13.07
N ALA B 53 -0.03 25.53 -13.42
CA ALA B 53 -0.67 24.38 -12.78
C ALA B 53 -1.43 23.50 -13.76
N HIS B 54 -1.12 23.55 -15.05
CA HIS B 54 -1.78 22.73 -16.06
C HIS B 54 -0.76 22.25 -17.07
N GLY B 55 -1.20 21.32 -17.90
CA GLY B 55 -0.45 20.86 -19.05
C GLY B 55 0.91 20.31 -18.67
N LEU B 56 1.87 20.54 -19.56
CA LEU B 56 3.21 19.99 -19.39
C LEU B 56 3.92 20.55 -18.18
N HIS B 57 3.50 21.74 -17.71
CA HIS B 57 4.09 22.31 -16.51
C HIS B 57 3.88 21.40 -15.30
N VAL B 58 2.80 20.62 -15.29
CA VAL B 58 2.52 19.68 -14.23
C VAL B 58 2.58 18.24 -14.73
N GLY B 59 3.22 18.01 -15.87
CA GLY B 59 3.43 16.67 -16.37
C GLY B 59 2.28 16.06 -17.14
N LEU B 60 1.27 16.84 -17.48
CA LEU B 60 0.09 16.42 -18.23
C LEU B 60 0.23 16.77 -19.71
N PRO B 61 -0.52 16.10 -20.59
CA PRO B 61 -0.50 16.47 -22.02
C PRO B 61 -0.72 17.95 -22.22
N GLU B 62 -0.11 18.49 -23.28
CA GLU B 62 -0.17 19.92 -23.55
C GLU B 62 -1.63 20.35 -23.63
N GLY B 63 -1.92 21.51 -23.04
CA GLY B 63 -3.24 22.08 -23.10
C GLY B 63 -4.26 21.50 -22.16
N LEU B 64 -3.92 20.48 -21.37
CA LEU B 64 -4.91 19.89 -20.47
C LEU B 64 -5.01 20.67 -19.16
N MET B 65 -6.23 20.93 -18.72
CA MET B 65 -6.46 21.63 -17.47
C MET B 65 -5.89 20.86 -16.28
N GLY B 66 -5.56 21.60 -15.22
CA GLY B 66 -5.06 20.97 -14.01
C GLY B 66 -6.18 20.28 -13.27
N ASN B 67 -5.82 19.58 -12.19
CA ASN B 67 -6.83 18.96 -11.34
C ASN B 67 -6.25 18.73 -9.94
N SER B 68 -7.12 18.30 -9.02
CA SER B 68 -6.72 18.27 -7.62
C SER B 68 -5.66 17.20 -7.38
N GLU B 69 -5.77 16.08 -8.08
CA GLU B 69 -4.87 14.97 -7.83
C GLU B 69 -3.48 15.26 -8.38
N VAL B 70 -3.39 15.67 -9.65
CA VAL B 70 -2.12 16.11 -10.22
C VAL B 70 -1.56 17.30 -9.44
N GLY B 71 -2.43 18.25 -9.08
CA GLY B 71 -1.94 19.48 -8.45
C GLY B 71 -1.33 19.24 -7.08
N HIS B 72 -2.04 18.53 -6.21
CA HIS B 72 -1.47 18.23 -4.91
C HIS B 72 -0.24 17.34 -5.04
N LEU B 73 -0.27 16.38 -5.97
CA LEU B 73 0.90 15.54 -6.19
C LEU B 73 2.13 16.38 -6.52
N ASN B 74 2.01 17.31 -7.49
CA ASN B 74 3.15 18.15 -7.88
C ASN B 74 3.54 19.11 -6.75
N ILE B 75 2.58 19.70 -6.05
CA ILE B 75 2.94 20.60 -4.96
C ILE B 75 3.78 19.87 -3.92
N GLY B 76 3.34 18.66 -3.54
CA GLY B 76 4.03 17.95 -2.50
C GLY B 76 5.35 17.35 -2.93
N ALA B 77 5.52 17.13 -4.22
CA ALA B 77 6.64 16.35 -4.74
C ALA B 77 7.88 17.18 -5.04
N GLY B 78 7.71 18.46 -5.33
CA GLY B 78 8.84 19.32 -5.68
C GLY B 78 9.52 18.90 -6.97
N ARG B 79 8.77 18.32 -7.89
CA ARG B 79 9.27 17.93 -9.19
C ARG B 79 8.04 17.68 -10.05
N VAL B 80 8.25 17.63 -11.35
CA VAL B 80 7.19 17.26 -12.25
C VAL B 80 7.10 15.74 -12.28
N ILE B 81 5.91 15.20 -12.03
CA ILE B 81 5.62 13.78 -12.24
C ILE B 81 4.97 13.66 -13.62
N TYR B 82 5.65 13.01 -14.56
CA TYR B 82 5.12 12.90 -15.91
C TYR B 82 4.01 11.85 -15.98
N GLN B 83 2.86 12.25 -16.49
CA GLN B 83 1.76 11.31 -16.69
C GLN B 83 2.12 10.35 -17.81
N ASP B 84 1.57 9.14 -17.74
CA ASP B 84 2.02 8.04 -18.60
C ASP B 84 2.14 8.45 -20.06
N ILE B 85 1.16 9.19 -20.58
CA ILE B 85 1.16 9.52 -22.00
C ILE B 85 2.39 10.35 -22.36
N VAL B 86 2.65 11.39 -21.57
CA VAL B 86 3.79 12.28 -21.78
C VAL B 86 5.10 11.54 -21.61
N ARG B 87 5.18 10.70 -20.59
CA ARG B 87 6.40 9.96 -20.32
C ARG B 87 6.76 9.06 -21.48
N ILE B 88 5.79 8.30 -21.98
CA ILE B 88 6.07 7.36 -23.07
C ILE B 88 6.38 8.11 -24.36
N ASN B 89 5.64 9.19 -24.65
CA ASN B 89 5.92 9.93 -25.88
C ASN B 89 7.32 10.52 -25.88
N LEU B 90 7.80 10.96 -24.72
CA LEU B 90 9.18 11.46 -24.60
C LEU B 90 10.18 10.35 -24.88
N ALA B 91 9.97 9.18 -24.28
CA ALA B 91 10.84 8.03 -24.54
C ALA B 91 10.92 7.73 -26.03
N VAL B 92 9.78 7.75 -26.71
CA VAL B 92 9.77 7.55 -28.16
C VAL B 92 10.52 8.68 -28.85
N LYS B 93 10.17 9.93 -28.55
CA LYS B 93 10.82 11.08 -29.18
C LYS B 93 12.34 10.97 -29.07
N ASN B 94 12.84 10.56 -27.91
CA ASN B 94 14.26 10.56 -27.58
C ASN B 94 14.91 9.20 -27.79
N ASN B 95 14.26 8.30 -28.53
CA ASN B 95 14.84 6.99 -28.87
C ASN B 95 15.32 6.22 -27.65
N LYS B 96 14.47 6.11 -26.64
CA LYS B 96 14.83 5.49 -25.37
C LYS B 96 14.25 4.10 -25.18
N PHE B 97 13.42 3.60 -26.10
CA PHE B 97 12.96 2.22 -25.99
C PHE B 97 14.13 1.25 -26.08
N VAL B 98 15.11 1.53 -26.94
CA VAL B 98 16.20 0.60 -27.16
C VAL B 98 17.09 0.44 -25.93
N THR B 99 17.02 1.36 -24.97
CA THR B 99 17.73 1.20 -23.71
C THR B 99 16.77 1.05 -22.53
N ASN B 100 15.48 0.85 -22.79
CA ASN B 100 14.53 0.59 -21.72
C ASN B 100 14.90 -0.71 -21.02
N GLU B 101 15.07 -0.65 -19.70
CA GLU B 101 15.57 -1.80 -18.95
C GLU B 101 14.66 -3.02 -19.10
N SER B 102 13.34 -2.84 -18.93
CA SER B 102 12.44 -4.00 -19.04
C SER B 102 12.30 -4.50 -20.47
N LEU B 103 12.33 -3.60 -21.46
CA LEU B 103 12.30 -4.05 -22.85
C LEU B 103 13.55 -4.86 -23.19
N VAL B 104 14.72 -4.40 -22.72
CA VAL B 104 15.96 -5.15 -22.94
C VAL B 104 15.88 -6.51 -22.27
N ASP B 105 15.31 -6.56 -21.06
CA ASP B 105 15.13 -7.83 -20.37
C ASP B 105 14.27 -8.78 -21.20
N ALA B 106 13.13 -8.29 -21.69
CA ALA B 106 12.25 -9.12 -22.49
C ALA B 106 12.96 -9.61 -23.75
N CYS B 107 13.75 -8.75 -24.39
CA CYS B 107 14.43 -9.15 -25.62
C CYS B 107 15.57 -10.11 -25.32
N ASP B 108 16.29 -9.90 -24.20
CA ASP B 108 17.29 -10.88 -23.78
C ASP B 108 16.65 -12.24 -23.51
N ARG B 109 15.48 -12.25 -22.86
CA ARG B 109 14.82 -13.53 -22.59
C ARG B 109 14.59 -14.30 -23.87
N ALA B 110 13.95 -13.66 -24.85
CA ALA B 110 13.71 -14.30 -26.14
C ALA B 110 15.01 -14.73 -26.79
N LYS B 111 16.01 -13.85 -26.82
CA LYS B 111 17.28 -14.18 -27.48
C LYS B 111 17.97 -15.36 -26.81
N ASN B 112 18.02 -15.40 -25.48
CA ASN B 112 18.65 -16.52 -24.81
C ASN B 112 17.76 -17.76 -24.80
N GLY B 113 16.49 -17.61 -25.14
CA GLY B 113 15.54 -18.70 -25.12
C GLY B 113 15.15 -19.16 -26.52
N ASN B 114 13.85 -19.29 -26.77
CA ASN B 114 13.38 -19.82 -28.04
C ASN B 114 13.26 -18.78 -29.14
N GLY B 115 13.70 -17.54 -28.88
CA GLY B 115 13.76 -16.48 -29.88
C GLY B 115 12.43 -15.81 -30.18
N ARG B 116 11.36 -16.14 -29.45
CA ARG B 116 10.01 -15.75 -29.82
C ARG B 116 9.46 -14.70 -28.85
N LEU B 117 9.07 -13.56 -29.39
CA LEU B 117 8.46 -12.49 -28.61
C LEU B 117 7.11 -12.13 -29.23
N HIS B 118 6.15 -11.73 -28.39
CA HIS B 118 4.83 -11.29 -28.83
C HIS B 118 4.54 -9.89 -28.32
N LEU B 119 3.78 -9.14 -29.10
CA LEU B 119 3.29 -7.80 -28.77
C LEU B 119 1.76 -7.81 -28.87
N ALA B 120 1.07 -7.31 -27.86
CA ALA B 120 -0.37 -7.34 -27.89
C ALA B 120 -0.94 -6.07 -27.26
N GLY B 121 -2.00 -5.55 -27.85
CA GLY B 121 -2.61 -4.33 -27.36
C GLY B 121 -3.60 -3.76 -28.34
N LEU B 122 -4.22 -2.65 -27.91
CA LEU B 122 -5.21 -1.94 -28.72
C LEU B 122 -4.52 -1.16 -29.83
N VAL B 123 -4.88 -1.45 -31.07
CA VAL B 123 -4.21 -0.83 -32.21
C VAL B 123 -5.07 0.26 -32.80
N SER B 124 -4.85 1.49 -32.35
CA SER B 124 -5.51 2.67 -32.89
C SER B 124 -4.76 3.90 -32.40
N ASP B 125 -5.19 5.06 -32.88
CA ASP B 125 -4.64 6.31 -32.40
C ASP B 125 -5.52 6.94 -31.34
N GLY B 126 -6.35 6.14 -30.67
CA GLY B 126 -7.26 6.68 -29.66
C GLY B 126 -6.55 7.33 -28.48
N GLY B 127 -5.46 6.73 -28.04
CA GLY B 127 -4.67 7.35 -26.99
C GLY B 127 -5.26 7.29 -25.61
N VAL B 128 -6.38 6.60 -25.43
CA VAL B 128 -6.94 6.39 -24.10
C VAL B 128 -6.26 5.21 -23.42
N HIS B 129 -6.15 4.09 -24.13
CA HIS B 129 -5.54 2.89 -23.59
C HIS B 129 -4.15 2.66 -24.13
N SER B 130 -3.84 3.25 -25.28
CA SER B 130 -2.66 2.87 -26.03
C SER B 130 -2.50 3.89 -27.14
N HIS B 131 -1.41 3.77 -27.88
CA HIS B 131 -1.29 4.47 -29.15
C HIS B 131 -0.47 3.62 -30.12
N ILE B 132 -0.99 3.48 -31.35
CA ILE B 132 -0.29 2.73 -32.41
C ILE B 132 1.16 3.18 -32.55
N ASP B 133 1.43 4.48 -32.35
CA ASP B 133 2.80 5.00 -32.45
C ASP B 133 3.73 4.36 -31.42
N HIS B 134 3.21 4.02 -30.24
CA HIS B 134 4.02 3.29 -29.29
C HIS B 134 4.31 1.88 -29.79
N MET B 135 3.33 1.23 -30.41
CA MET B 135 3.53 -0.12 -30.92
C MET B 135 4.58 -0.11 -32.03
N PHE B 136 4.54 0.90 -32.89
CA PHE B 136 5.55 1.04 -33.95
C PHE B 136 6.95 1.24 -33.36
N ALA B 137 7.08 2.13 -32.37
CA ALA B 137 8.36 2.31 -31.70
C ALA B 137 8.87 1.01 -31.08
N LEU B 138 7.98 0.22 -30.48
CA LEU B 138 8.40 -1.04 -29.87
C LEU B 138 8.95 -2.01 -30.89
N VAL B 139 8.24 -2.16 -32.02
CA VAL B 139 8.71 -3.06 -33.07
C VAL B 139 10.08 -2.63 -33.56
N LYS B 140 10.28 -1.33 -33.74
CA LYS B 140 11.57 -0.82 -34.23
C LYS B 140 12.69 -1.10 -33.24
N ALA B 141 12.43 -0.91 -31.94
CA ALA B 141 13.43 -1.20 -30.92
C ALA B 141 13.72 -2.70 -30.83
N ILE B 142 12.67 -3.52 -30.85
CA ILE B 142 12.84 -4.97 -30.76
C ILE B 142 13.69 -5.46 -31.92
N LYS B 143 13.45 -4.94 -33.12
CA LYS B 143 14.29 -5.28 -34.26
C LYS B 143 15.74 -4.90 -33.98
N GLU B 144 15.97 -3.65 -33.56
CA GLU B 144 17.34 -3.20 -33.31
C GLU B 144 18.02 -4.04 -32.24
N LEU B 145 17.26 -4.57 -31.29
CA LEU B 145 17.84 -5.41 -30.25
C LEU B 145 18.03 -6.86 -30.68
N GLY B 146 17.67 -7.21 -31.91
CA GLY B 146 18.02 -8.50 -32.47
C GLY B 146 17.15 -9.67 -32.07
N VAL B 147 15.89 -9.44 -31.73
CA VAL B 147 15.02 -10.57 -31.38
C VAL B 147 14.72 -11.36 -32.66
N PRO B 148 14.86 -12.69 -32.68
CA PRO B 148 14.65 -13.43 -33.94
C PRO B 148 13.22 -13.35 -34.49
N GLU B 149 12.21 -13.44 -33.64
CA GLU B 149 10.84 -13.64 -34.10
C GLU B 149 9.90 -12.76 -33.28
N LEU B 150 9.12 -11.91 -33.96
CA LEU B 150 8.14 -11.03 -33.30
C LEU B 150 6.78 -11.18 -33.96
N TYR B 151 5.76 -11.38 -33.14
CA TYR B 151 4.38 -11.49 -33.60
C TYR B 151 3.51 -10.45 -32.90
N LEU B 152 2.57 -9.89 -33.66
CA LEU B 152 1.66 -8.89 -33.13
C LEU B 152 0.24 -9.42 -33.02
N HIS B 153 -0.38 -9.11 -31.89
CA HIS B 153 -1.77 -9.44 -31.63
C HIS B 153 -2.50 -8.11 -31.50
N PHE B 154 -3.33 -7.83 -32.50
CA PHE B 154 -3.97 -6.54 -32.74
C PHE B 154 -5.37 -6.61 -32.15
N TYR B 155 -5.64 -5.78 -31.15
CA TYR B 155 -6.97 -5.67 -30.58
C TYR B 155 -7.71 -4.50 -31.24
N GLY B 156 -8.87 -4.77 -31.81
CA GLY B 156 -9.60 -3.75 -32.55
C GLY B 156 -10.31 -2.80 -31.60
N ASP B 157 -10.35 -1.52 -32.00
CA ASP B 157 -10.83 -0.50 -31.09
C ASP B 157 -12.28 -0.16 -31.34
N GLY B 158 -12.54 0.83 -32.20
CA GLY B 158 -13.90 1.20 -32.52
C GLY B 158 -14.65 1.90 -31.40
N ARG B 159 -13.99 2.17 -30.28
CA ARG B 159 -14.58 2.86 -29.15
C ARG B 159 -13.89 4.18 -28.84
N ASP B 160 -12.57 4.22 -28.81
CA ASP B 160 -11.82 5.47 -28.70
C ASP B 160 -11.56 6.09 -30.07
N THR B 161 -12.02 5.41 -31.12
CA THR B 161 -11.92 5.83 -32.51
C THR B 161 -13.18 5.30 -33.17
N SER B 162 -13.40 5.68 -34.42
CA SER B 162 -14.67 5.35 -35.04
C SER B 162 -14.77 3.84 -35.30
N PRO B 163 -15.99 3.30 -35.36
CA PRO B 163 -16.17 1.84 -35.46
C PRO B 163 -15.69 1.18 -36.75
N ASN B 164 -15.33 1.95 -37.78
CA ASN B 164 -14.83 1.37 -39.02
C ASN B 164 -13.42 1.88 -39.34
N SER B 165 -12.72 2.41 -38.34
CA SER B 165 -11.36 2.90 -38.56
C SER B 165 -10.33 1.79 -38.45
N GLY B 166 -10.70 0.63 -37.93
CA GLY B 166 -9.73 -0.43 -37.69
C GLY B 166 -9.03 -0.85 -38.97
N VAL B 167 -9.76 -0.84 -40.08
CA VAL B 167 -9.18 -1.28 -41.35
C VAL B 167 -8.02 -0.38 -41.76
N GLY B 168 -8.09 0.91 -41.40
CA GLY B 168 -6.96 1.79 -41.69
C GLY B 168 -5.78 1.53 -40.78
N PHE B 169 -6.04 1.27 -39.49
CA PHE B 169 -4.96 0.90 -38.59
C PHE B 169 -4.37 -0.44 -38.98
N LEU B 170 -5.20 -1.35 -39.52
CA LEU B 170 -4.70 -2.63 -40.04
C LEU B 170 -3.81 -2.42 -41.27
N GLU B 171 -4.29 -1.63 -42.23
CA GLU B 171 -3.46 -1.30 -43.41
C GLU B 171 -2.16 -0.65 -43.01
N GLN B 172 -2.23 0.32 -42.09
CA GLN B 172 -0.99 0.95 -41.60
C GLN B 172 -0.04 -0.08 -41.03
N THR B 173 -0.56 -1.02 -40.23
CA THR B 173 0.31 -1.99 -39.56
C THR B 173 0.97 -2.93 -40.56
N LEU B 174 0.18 -3.45 -41.50
CA LEU B 174 0.70 -4.40 -42.49
C LEU B 174 1.82 -3.76 -43.31
N GLU B 175 1.58 -2.54 -43.79
CA GLU B 175 2.60 -1.79 -44.54
C GLU B 175 3.81 -1.49 -43.68
N PHE B 176 3.59 -1.07 -42.44
CA PHE B 176 4.72 -0.82 -41.54
C PHE B 176 5.58 -2.08 -41.42
N LEU B 177 4.96 -3.23 -41.13
CA LEU B 177 5.74 -4.45 -40.91
C LEU B 177 6.41 -4.93 -42.19
N GLU B 178 5.72 -4.80 -43.32
CA GLU B 178 6.27 -5.30 -44.58
CA GLU B 178 6.27 -5.30 -44.58
C GLU B 178 7.33 -4.37 -45.15
N LYS B 179 7.09 -3.07 -45.14
CA LYS B 179 7.92 -2.15 -45.91
C LYS B 179 8.79 -1.23 -45.09
N THR B 180 8.38 -0.86 -43.88
CA THR B 180 9.17 0.04 -43.05
C THR B 180 10.20 -0.73 -42.24
N THR B 181 9.76 -1.69 -41.44
CA THR B 181 10.70 -2.51 -40.68
C THR B 181 11.12 -3.77 -41.42
N GLY B 182 10.30 -4.28 -42.34
CA GLY B 182 10.56 -5.56 -42.97
C GLY B 182 10.77 -6.65 -41.94
N TYR B 183 10.07 -6.53 -40.81
CA TYR B 183 10.34 -7.34 -39.64
C TYR B 183 9.09 -7.32 -38.78
N GLY B 184 8.67 -8.50 -38.34
CA GLY B 184 7.49 -8.66 -37.50
C GLY B 184 6.31 -9.13 -38.30
N LYS B 185 5.42 -9.88 -37.65
CA LYS B 185 4.32 -10.51 -38.34
C LYS B 185 3.04 -10.34 -37.53
N LEU B 186 1.97 -9.95 -38.20
CA LEU B 186 0.65 -9.93 -37.58
C LEU B 186 0.15 -11.37 -37.37
N ALA B 187 -0.27 -11.68 -36.14
CA ALA B 187 -0.71 -13.03 -35.80
C ALA B 187 -2.19 -13.16 -35.46
N THR B 188 -2.82 -12.11 -34.94
CA THR B 188 -4.20 -12.20 -34.51
C THR B 188 -4.83 -10.83 -34.68
N VAL B 189 -6.12 -10.82 -35.04
CA VAL B 189 -6.97 -9.64 -34.94
C VAL B 189 -8.22 -10.07 -34.19
N VAL B 190 -8.52 -9.36 -33.10
CA VAL B 190 -9.72 -9.64 -32.30
C VAL B 190 -10.17 -8.32 -31.67
N GLY B 191 -11.49 -8.15 -31.59
CA GLY B 191 -12.04 -6.92 -31.03
C GLY B 191 -11.80 -6.78 -29.54
N ARG B 192 -11.76 -5.52 -29.08
CA ARG B 192 -11.53 -5.23 -27.67
C ARG B 192 -12.66 -5.77 -26.79
N TYR B 193 -13.87 -5.91 -27.34
CA TYR B 193 -14.96 -6.53 -26.58
C TYR B 193 -14.50 -7.83 -25.94
N TYR B 194 -13.66 -8.60 -26.63
CA TYR B 194 -13.18 -9.88 -26.12
C TYR B 194 -11.88 -9.75 -25.35
N ALA B 195 -10.89 -9.06 -25.92
CA ALA B 195 -9.56 -9.03 -25.32
C ALA B 195 -9.47 -8.13 -24.09
N MET B 196 -10.35 -7.14 -23.97
CA MET B 196 -10.15 -6.03 -23.03
C MET B 196 -11.33 -5.85 -22.08
N ASP B 197 -12.01 -6.94 -21.77
CA ASP B 197 -13.08 -6.91 -20.78
C ASP B 197 -12.49 -6.59 -19.41
N ARG B 198 -13.24 -5.84 -18.61
CA ARG B 198 -12.84 -5.49 -17.25
C ARG B 198 -13.95 -5.80 -16.25
N ASP B 199 -14.97 -6.56 -16.65
CA ASP B 199 -16.12 -6.87 -15.82
C ASP B 199 -16.17 -8.34 -15.44
N ASN B 200 -15.03 -9.01 -15.43
CA ASN B 200 -14.96 -10.43 -15.06
C ASN B 200 -15.85 -11.30 -15.93
N ARG B 201 -16.01 -10.94 -17.20
CA ARG B 201 -16.75 -11.76 -18.16
C ARG B 201 -15.76 -12.64 -18.93
N TRP B 202 -15.27 -13.66 -18.24
CA TRP B 202 -14.21 -14.51 -18.75
C TRP B 202 -14.62 -15.28 -20.01
N GLU B 203 -15.91 -15.49 -20.25
CA GLU B 203 -16.32 -16.08 -21.53
C GLU B 203 -15.92 -15.17 -22.70
N ARG B 204 -15.79 -13.86 -22.45
CA ARG B 204 -15.33 -12.95 -23.49
C ARG B 204 -13.83 -13.04 -23.65
N ILE B 205 -13.10 -12.92 -22.54
CA ILE B 205 -11.63 -13.09 -22.55
C ILE B 205 -11.25 -14.38 -23.26
N ASN B 206 -12.03 -15.44 -23.06
CA ASN B 206 -11.67 -16.74 -23.64
C ASN B 206 -11.59 -16.68 -25.16
N VAL B 207 -12.39 -15.81 -25.79
CA VAL B 207 -12.31 -15.71 -27.25
C VAL B 207 -10.94 -15.22 -27.69
N ALA B 208 -10.41 -14.20 -27.00
CA ALA B 208 -9.10 -13.69 -27.35
C ALA B 208 -8.02 -14.67 -26.90
N TYR B 209 -8.22 -15.29 -25.74
CA TYR B 209 -7.25 -16.22 -25.21
C TYR B 209 -7.05 -17.40 -26.15
N GLU B 210 -8.15 -17.98 -26.61
CA GLU B 210 -8.08 -19.12 -27.52
C GLU B 210 -7.50 -18.73 -28.87
N ALA B 211 -7.78 -17.51 -29.34
CA ALA B 211 -7.16 -17.03 -30.57
C ALA B 211 -5.64 -16.99 -30.43
N MET B 212 -5.15 -16.43 -29.33
CA MET B 212 -3.71 -16.25 -29.16
C MET B 212 -3.01 -17.58 -28.87
N ILE B 213 -3.66 -18.46 -28.13
CA ILE B 213 -3.04 -19.72 -27.69
C ILE B 213 -3.28 -20.83 -28.69
N GLY B 214 -4.48 -20.88 -29.27
CA GLY B 214 -4.87 -22.04 -30.04
C GLY B 214 -5.16 -21.75 -31.50
N GLY B 215 -5.13 -20.48 -31.90
CA GLY B 215 -5.51 -20.16 -33.26
C GLY B 215 -6.98 -20.42 -33.55
N VAL B 216 -7.83 -20.33 -32.53
CA VAL B 216 -9.27 -20.50 -32.73
C VAL B 216 -9.81 -19.20 -33.34
N GLY B 217 -10.17 -19.27 -34.63
CA GLY B 217 -10.71 -18.13 -35.33
C GLY B 217 -10.68 -18.38 -36.82
N GLU B 218 -10.94 -17.32 -37.59
CA GLU B 218 -10.90 -17.42 -39.04
C GLU B 218 -9.46 -17.34 -39.55
N THR B 219 -9.07 -18.31 -40.36
CA THR B 219 -7.73 -18.27 -40.93
C THR B 219 -7.66 -17.24 -42.06
N SER B 220 -6.57 -16.48 -42.09
CA SER B 220 -6.33 -15.51 -43.15
C SER B 220 -4.83 -15.30 -43.29
N ASP B 221 -4.44 -14.35 -44.14
CA ASP B 221 -3.04 -13.98 -44.32
C ASP B 221 -2.97 -12.50 -44.67
N GLU B 222 -1.74 -12.03 -44.90
CA GLU B 222 -1.53 -10.60 -45.13
C GLU B 222 -2.29 -10.11 -46.36
N ALA B 223 -2.39 -10.93 -47.40
CA ALA B 223 -3.07 -10.50 -48.62
C ALA B 223 -4.58 -10.47 -48.46
N GLY B 224 -5.14 -11.20 -47.51
CA GLY B 224 -6.57 -11.30 -47.40
C GLY B 224 -7.21 -10.69 -46.17
N VAL B 225 -6.40 -10.22 -45.20
CA VAL B 225 -6.97 -9.87 -43.89
C VAL B 225 -7.78 -8.58 -43.98
N VAL B 226 -7.35 -7.64 -44.82
CA VAL B 226 -8.13 -6.42 -44.97
C VAL B 226 -9.51 -6.71 -45.55
N GLU B 227 -9.58 -7.59 -46.56
CA GLU B 227 -10.88 -7.96 -47.11
C GLU B 227 -11.75 -8.69 -46.08
N VAL B 228 -11.16 -9.59 -45.28
CA VAL B 228 -11.91 -10.21 -44.19
C VAL B 228 -12.59 -9.14 -43.35
N VAL B 229 -11.85 -8.10 -42.97
CA VAL B 229 -12.40 -7.06 -42.08
C VAL B 229 -13.47 -6.25 -42.79
N ARG B 230 -13.27 -5.92 -44.08
CA ARG B 230 -14.32 -5.23 -44.81
CA ARG B 230 -14.31 -5.24 -44.83
C ARG B 230 -15.58 -6.09 -44.90
N LYS B 231 -15.43 -7.40 -45.07
CA LYS B 231 -16.60 -8.27 -45.05
C LYS B 231 -17.29 -8.24 -43.69
N ARG B 232 -16.51 -8.16 -42.60
CA ARG B 232 -17.13 -8.07 -41.29
C ARG B 232 -17.93 -6.77 -41.15
N TYR B 233 -17.35 -5.66 -41.59
CA TYR B 233 -18.06 -4.38 -41.57
C TYR B 233 -19.37 -4.48 -42.36
N ALA B 234 -19.33 -5.13 -43.53
CA ALA B 234 -20.54 -5.29 -44.34
C ALA B 234 -21.57 -6.16 -43.64
N ALA B 235 -21.14 -7.08 -42.78
CA ALA B 235 -22.04 -7.89 -41.98
C ALA B 235 -22.40 -7.23 -40.65
N ASP B 236 -22.08 -5.94 -40.49
CA ASP B 236 -22.42 -5.16 -39.29
C ASP B 236 -21.63 -5.58 -38.05
N GLU B 237 -20.43 -6.12 -38.23
CA GLU B 237 -19.52 -6.44 -37.14
C GLU B 237 -18.37 -5.45 -37.19
N THR B 238 -18.35 -4.48 -36.27
CA THR B 238 -17.37 -3.40 -36.29
C THR B 238 -16.16 -3.75 -35.41
N ASP B 239 -15.22 -2.80 -35.33
CA ASP B 239 -13.89 -3.04 -34.77
C ASP B 239 -13.97 -3.59 -33.36
N GLU B 240 -14.82 -2.99 -32.52
CA GLU B 240 -14.90 -3.41 -31.13
C GLU B 240 -15.29 -4.88 -31.01
N PHE B 241 -16.01 -5.42 -32.00
CA PHE B 241 -16.67 -6.71 -31.88
C PHE B 241 -16.12 -7.75 -32.86
N LEU B 242 -15.01 -7.45 -33.53
CA LEU B 242 -14.47 -8.40 -34.50
C LEU B 242 -14.17 -9.73 -33.84
N LYS B 243 -14.71 -10.81 -34.39
CA LYS B 243 -14.33 -12.12 -33.92
C LYS B 243 -12.96 -12.48 -34.50
N PRO B 244 -12.25 -13.40 -33.84
CA PRO B 244 -10.81 -13.56 -34.13
C PRO B 244 -10.50 -13.88 -35.59
N ILE B 245 -9.40 -13.30 -36.07
CA ILE B 245 -8.80 -13.65 -37.36
C ILE B 245 -7.40 -14.10 -37.05
N ILE B 246 -6.98 -15.23 -37.62
CA ILE B 246 -5.76 -15.92 -37.23
C ILE B 246 -4.80 -15.89 -38.40
N LEU B 247 -3.63 -15.30 -38.19
CA LEU B 247 -2.59 -15.31 -39.21
C LEU B 247 -1.35 -16.07 -38.71
N GLN B 248 -0.55 -16.53 -39.67
CA GLN B 248 0.72 -17.23 -39.46
C GLN B 248 0.58 -18.65 -38.90
N GLY B 249 -0.64 -19.14 -38.73
CA GLY B 249 -0.85 -20.47 -38.17
C GLY B 249 -0.25 -20.66 -36.79
N GLU B 250 0.21 -21.89 -36.55
CA GLU B 250 0.68 -22.27 -35.23
C GLU B 250 1.88 -21.41 -34.80
N LYS B 251 2.74 -21.04 -35.75
CA LYS B 251 3.92 -20.25 -35.43
C LYS B 251 3.54 -18.93 -34.75
N GLY B 252 2.36 -18.41 -35.07
CA GLY B 252 1.93 -17.14 -34.52
C GLY B 252 1.26 -17.23 -33.17
N ARG B 253 1.02 -18.44 -32.67
CA ARG B 253 0.39 -18.61 -31.38
C ARG B 253 1.40 -18.33 -30.27
N VAL B 254 0.87 -17.96 -29.12
CA VAL B 254 1.68 -17.88 -27.90
C VAL B 254 1.95 -19.31 -27.46
N GLN B 255 3.20 -19.74 -27.52
CA GLN B 255 3.57 -21.14 -27.29
C GLN B 255 4.37 -21.29 -26.00
N ASN B 256 4.73 -22.54 -25.67
CA ASN B 256 5.63 -22.80 -24.55
C ASN B 256 6.89 -21.97 -24.66
N ASP B 257 7.27 -21.36 -23.54
CA ASP B 257 8.52 -20.63 -23.38
C ASP B 257 8.50 -19.27 -24.05
N ASP B 258 7.36 -18.84 -24.58
CA ASP B 258 7.30 -17.55 -25.27
C ASP B 258 7.34 -16.39 -24.28
N THR B 259 7.68 -15.22 -24.80
CA THR B 259 7.70 -13.97 -24.03
C THR B 259 6.68 -13.03 -24.66
N ILE B 260 5.99 -12.26 -23.81
CA ILE B 260 4.89 -11.41 -24.29
C ILE B 260 4.92 -10.05 -23.61
N ILE B 261 4.68 -9.02 -24.40
CA ILE B 261 4.62 -7.63 -23.93
C ILE B 261 3.26 -7.07 -24.32
N PHE B 262 2.50 -6.61 -23.34
CA PHE B 262 1.31 -5.82 -23.60
C PHE B 262 1.69 -4.34 -23.63
N PHE B 263 1.27 -3.62 -24.68
CA PHE B 263 1.73 -2.25 -24.87
C PHE B 263 0.72 -1.19 -24.47
N ASP B 264 -0.48 -1.58 -24.02
CA ASP B 264 -1.43 -0.62 -23.47
C ASP B 264 -0.87 -0.04 -22.17
N TYR B 265 -1.06 1.28 -21.97
CA TYR B 265 -0.61 1.92 -20.74
C TYR B 265 -1.72 2.13 -19.71
N ARG B 266 -2.97 1.87 -20.06
CA ARG B 266 -4.09 1.94 -19.13
C ARG B 266 -4.38 0.55 -18.56
N ALA B 267 -4.30 0.44 -17.23
CA ALA B 267 -4.27 -0.86 -16.59
C ALA B 267 -5.61 -1.57 -16.59
N ASP B 268 -6.72 -0.83 -16.50
CA ASP B 268 -7.97 -1.46 -16.07
C ASP B 268 -8.43 -2.52 -17.06
N ARG B 269 -8.23 -2.30 -18.35
CA ARG B 269 -8.66 -3.27 -19.36
C ARG B 269 -7.55 -4.23 -19.78
N MET B 270 -6.39 -4.18 -19.14
CA MET B 270 -5.34 -5.18 -19.38
C MET B 270 -5.21 -6.21 -18.25
N ARG B 271 -5.89 -5.99 -17.11
CA ARG B 271 -5.73 -6.91 -15.99
C ARG B 271 -6.20 -8.34 -16.33
N GLU B 272 -7.31 -8.47 -17.04
CA GLU B 272 -7.89 -9.80 -17.27
C GLU B 272 -7.06 -10.61 -18.27
N ILE B 273 -6.72 -10.01 -19.43
CA ILE B 273 -5.97 -10.78 -20.42
C ILE B 273 -4.56 -11.04 -19.93
N SER B 274 -3.93 -10.06 -19.28
CA SER B 274 -2.56 -10.26 -18.84
C SER B 274 -2.49 -11.30 -17.72
N ALA B 275 -3.50 -11.33 -16.84
CA ALA B 275 -3.54 -12.33 -15.78
C ALA B 275 -3.82 -13.73 -16.34
N ALA B 276 -4.63 -13.82 -17.38
CA ALA B 276 -4.87 -15.11 -18.01
C ALA B 276 -3.59 -15.66 -18.64
N MET B 277 -2.74 -14.78 -19.17
CA MET B 277 -1.50 -15.22 -19.81
C MET B 277 -0.39 -15.47 -18.79
N GLY B 278 -0.36 -14.70 -17.70
CA GLY B 278 0.79 -14.72 -16.82
C GLY B 278 0.51 -15.17 -15.40
N MET B 279 -0.75 -15.49 -15.08
CA MET B 279 -1.08 -16.00 -13.77
C MET B 279 -2.13 -17.11 -13.93
N ASP B 280 -2.84 -17.42 -12.86
CA ASP B 280 -3.71 -18.58 -12.82
C ASP B 280 -5.06 -18.31 -13.43
N ARG B 281 -5.28 -17.15 -14.04
CA ARG B 281 -6.62 -16.81 -14.46
C ARG B 281 -7.02 -17.49 -15.77
N TYR B 282 -6.11 -18.23 -16.42
CA TYR B 282 -6.55 -19.04 -17.54
C TYR B 282 -7.61 -20.04 -17.11
N LYS B 283 -7.53 -20.56 -15.88
CA LYS B 283 -8.58 -21.46 -15.39
C LYS B 283 -9.96 -20.82 -15.49
N ASP B 284 -10.06 -19.50 -15.24
CA ASP B 284 -11.36 -18.85 -15.34
C ASP B 284 -11.92 -18.89 -16.75
N CYS B 285 -11.06 -19.05 -17.76
CA CYS B 285 -11.53 -19.07 -19.14
C CYS B 285 -12.29 -20.36 -19.47
N ASN B 286 -12.05 -21.42 -18.71
CA ASN B 286 -12.69 -22.72 -18.95
C ASN B 286 -12.46 -23.17 -20.38
N SER B 287 -11.21 -23.07 -20.82
CA SER B 287 -10.81 -23.52 -22.14
C SER B 287 -10.37 -24.97 -22.05
N LYS B 288 -10.72 -25.75 -23.07
CA LYS B 288 -10.23 -27.10 -23.18
C LYS B 288 -8.79 -27.15 -23.71
N LEU B 289 -8.22 -26.00 -24.06
CA LEU B 289 -6.86 -25.96 -24.59
C LEU B 289 -5.84 -26.02 -23.46
N ALA B 290 -4.68 -26.57 -23.78
CA ALA B 290 -3.57 -26.59 -22.84
C ALA B 290 -2.95 -25.20 -22.76
N HIS B 291 -2.72 -24.74 -21.55
CA HIS B 291 -2.10 -23.45 -21.34
C HIS B 291 -0.60 -23.56 -21.55
N PRO B 292 0.02 -22.67 -22.33
CA PRO B 292 1.47 -22.77 -22.52
C PRO B 292 2.19 -22.60 -21.20
N SER B 293 3.30 -23.31 -21.07
CA SER B 293 4.11 -23.27 -19.87
C SER B 293 5.27 -22.30 -20.06
N ASN B 294 5.74 -21.76 -18.95
CA ASN B 294 6.96 -20.96 -18.91
C ASN B 294 6.85 -19.67 -19.72
N LEU B 295 5.66 -19.07 -19.76
CA LEU B 295 5.49 -17.75 -20.34
C LEU B 295 5.99 -16.69 -19.36
N GLN B 296 6.60 -15.63 -19.87
CA GLN B 296 6.82 -14.41 -19.09
C GLN B 296 6.07 -13.24 -19.74
N VAL B 297 5.34 -12.49 -18.91
CA VAL B 297 4.50 -11.38 -19.35
C VAL B 297 5.12 -10.06 -18.89
N TYR B 298 5.13 -9.07 -19.78
CA TYR B 298 5.56 -7.72 -19.47
C TYR B 298 4.44 -6.75 -19.82
N GLY B 299 4.38 -5.64 -19.08
CA GLY B 299 3.39 -4.60 -19.33
C GLY B 299 4.06 -3.29 -19.68
N MET B 300 3.34 -2.48 -20.46
CA MET B 300 3.84 -1.14 -20.73
C MET B 300 4.00 -0.37 -19.42
N THR B 301 3.02 -0.54 -18.53
CA THR B 301 3.00 0.03 -17.20
C THR B 301 2.57 -1.05 -16.22
N GLN B 302 2.51 -0.68 -14.95
CA GLN B 302 2.08 -1.61 -13.91
C GLN B 302 0.57 -1.82 -14.01
N TYR B 303 0.15 -3.07 -14.14
CA TYR B 303 -1.28 -3.38 -14.21
C TYR B 303 -1.85 -3.74 -12.86
N LYS B 304 -1.04 -4.38 -12.02
CA LYS B 304 -1.38 -4.62 -10.62
C LYS B 304 -0.08 -4.83 -9.87
N ALA B 305 0.02 -4.25 -8.66
CA ALA B 305 1.23 -4.45 -7.86
C ALA B 305 1.39 -5.92 -7.50
N GLU B 306 0.28 -6.65 -7.37
CA GLU B 306 0.31 -8.07 -7.02
C GLU B 306 0.84 -8.95 -8.15
N PHE B 307 0.92 -8.43 -9.37
CA PHE B 307 1.41 -9.19 -10.50
C PHE B 307 2.94 -9.23 -10.48
N PRO B 308 3.54 -10.33 -10.94
CA PRO B 308 5.00 -10.37 -11.02
C PRO B 308 5.56 -9.71 -12.27
N PHE B 309 4.72 -9.20 -13.16
CA PHE B 309 5.18 -8.72 -14.45
C PHE B 309 6.10 -7.52 -14.29
N LYS B 310 7.18 -7.51 -15.06
CA LYS B 310 7.97 -6.30 -15.23
C LYS B 310 7.19 -5.29 -16.08
N SER B 311 7.51 -4.02 -15.88
CA SER B 311 6.83 -2.93 -16.56
C SER B 311 7.85 -2.13 -17.34
N LEU B 312 7.50 -1.74 -18.57
CA LEU B 312 8.43 -0.92 -19.34
C LEU B 312 8.58 0.45 -18.68
N PHE B 313 7.49 1.02 -18.19
CA PHE B 313 7.49 2.31 -17.50
C PHE B 313 6.87 2.11 -16.12
N PRO B 314 7.64 1.64 -15.16
CA PRO B 314 7.09 1.42 -13.80
C PRO B 314 6.78 2.73 -13.12
N PRO B 315 6.09 2.70 -11.98
CA PRO B 315 5.73 3.95 -11.31
C PRO B 315 6.95 4.79 -10.94
N ALA B 316 6.83 6.10 -11.14
CA ALA B 316 7.85 7.02 -10.66
C ALA B 316 8.06 6.77 -9.17
N SER B 317 9.32 6.79 -8.73
CA SER B 317 9.60 6.41 -7.35
C SER B 317 9.08 7.44 -6.37
N ASN B 318 9.23 8.72 -6.70
CA ASN B 318 8.77 9.81 -5.83
C ASN B 318 9.39 9.70 -4.44
N LYS B 319 10.70 9.50 -4.40
CA LYS B 319 11.43 9.50 -3.14
C LYS B 319 11.63 10.94 -2.69
N ASN B 320 11.55 11.15 -1.38
CA ASN B 320 11.80 12.47 -0.80
C ASN B 320 10.86 13.54 -1.35
N VAL B 321 9.57 13.22 -1.43
CA VAL B 321 8.57 14.28 -1.49
C VAL B 321 8.70 15.12 -0.23
N LEU B 322 8.03 16.27 -0.20
CA LEU B 322 8.21 17.18 0.94
C LEU B 322 7.88 16.50 2.26
N ALA B 323 6.76 15.79 2.31
CA ALA B 323 6.36 15.14 3.56
C ALA B 323 7.40 14.13 4.02
N GLU B 324 7.96 13.34 3.11
CA GLU B 324 9.00 12.38 3.50
C GLU B 324 10.27 13.10 3.92
N TRP B 325 10.66 14.16 3.18
CA TRP B 325 11.91 14.86 3.46
C TRP B 325 11.89 15.53 4.81
N LEU B 326 10.77 16.17 5.17
CA LEU B 326 10.68 16.77 6.50
C LEU B 326 10.91 15.73 7.59
N ALA B 327 10.31 14.55 7.44
CA ALA B 327 10.50 13.49 8.40
C ALA B 327 11.97 13.05 8.47
N GLU B 328 12.63 12.90 7.31
CA GLU B 328 14.03 12.51 7.30
C GLU B 328 14.90 13.53 8.01
N GLN B 329 14.53 14.81 7.90
CA GLN B 329 15.20 15.90 8.56
C GLN B 329 14.81 16.04 10.01
N LYS B 330 13.91 15.18 10.48
CA LYS B 330 13.43 15.23 11.87
C LYS B 330 12.69 16.54 12.16
N VAL B 331 11.78 16.90 11.24
CA VAL B 331 10.92 18.07 11.38
C VAL B 331 9.47 17.59 11.28
N SER B 332 8.67 17.89 12.29
CA SER B 332 7.27 17.46 12.32
C SER B 332 6.41 18.36 11.42
N GLN B 333 5.19 17.90 11.14
CA GLN B 333 4.33 18.54 10.15
C GLN B 333 2.87 18.21 10.43
N PHE B 334 1.99 19.05 9.87
CA PHE B 334 0.55 18.96 10.08
C PHE B 334 -0.16 19.15 8.73
N HIS B 335 -1.07 18.24 8.41
CA HIS B 335 -1.87 18.34 7.19
C HIS B 335 -3.35 18.30 7.55
N CYS B 336 -4.12 19.23 7.01
CA CYS B 336 -5.53 19.37 7.37
C CYS B 336 -6.37 19.70 6.14
N ALA B 337 -7.53 19.03 6.04
CA ALA B 337 -8.53 19.31 5.02
C ALA B 337 -9.91 18.88 5.52
N GLU B 338 -10.94 19.37 4.84
CA GLU B 338 -12.25 18.76 5.04
C GLU B 338 -12.39 17.51 4.17
N THR B 339 -13.50 16.78 4.38
CA THR B 339 -13.66 15.42 3.85
C THR B 339 -13.40 15.35 2.34
N GLU B 340 -13.98 16.29 1.59
CA GLU B 340 -13.88 16.25 0.13
C GLU B 340 -12.44 16.35 -0.37
N LYS B 341 -11.52 16.93 0.41
CA LYS B 341 -10.13 17.08 -0.04
C LYS B 341 -9.14 16.39 0.89
N TYR B 342 -9.63 15.50 1.75
CA TYR B 342 -8.73 14.84 2.69
C TYR B 342 -7.72 13.92 1.99
N ALA B 343 -8.15 13.21 0.96
CA ALA B 343 -7.22 12.41 0.18
C ALA B 343 -6.14 13.28 -0.46
N HIS B 344 -6.48 14.51 -0.84
CA HIS B 344 -5.52 15.36 -1.53
C HIS B 344 -4.38 15.79 -0.62
N VAL B 345 -4.69 16.07 0.65
CA VAL B 345 -3.63 16.49 1.57
C VAL B 345 -2.89 15.31 2.16
N THR B 346 -3.32 14.07 1.85
CA THR B 346 -2.67 12.88 2.38
C THR B 346 -2.12 12.03 1.22
N PHE B 347 -2.96 11.21 0.62
CA PHE B 347 -2.54 10.28 -0.43
C PHE B 347 -1.81 11.00 -1.57
N PHE B 348 -2.41 12.08 -2.09
CA PHE B 348 -1.84 12.74 -3.27
C PHE B 348 -0.67 13.64 -2.90
N PHE B 349 -0.83 14.50 -1.90
CA PHE B 349 0.27 15.36 -1.44
C PHE B 349 1.53 14.54 -1.11
N ASN B 350 1.36 13.35 -0.53
CA ASN B 350 2.50 12.55 -0.10
C ASN B 350 3.08 11.68 -1.20
N GLY B 351 2.73 11.93 -2.47
CA GLY B 351 3.30 11.20 -3.57
C GLY B 351 2.39 10.20 -4.28
N GLY B 352 1.09 10.22 -4.00
CA GLY B 352 0.17 9.30 -4.68
C GLY B 352 0.18 7.89 -4.13
N LEU B 353 0.28 7.74 -2.82
CA LEU B 353 0.22 6.44 -2.15
C LEU B 353 -0.21 6.67 -0.71
N GLU B 354 -0.75 5.61 -0.09
CA GLU B 354 -1.16 5.69 1.31
C GLU B 354 0.08 5.48 2.14
N LYS B 355 0.68 6.56 2.61
CA LYS B 355 1.86 6.48 3.46
C LYS B 355 1.92 7.75 4.29
N GLN B 356 1.96 7.58 5.60
CA GLN B 356 2.05 8.68 6.53
C GLN B 356 3.43 8.62 7.17
N PHE B 357 4.13 9.75 7.21
CA PHE B 357 5.52 9.75 7.59
C PHE B 357 5.69 10.06 9.09
N GLU B 358 6.87 9.71 9.60
CA GLU B 358 7.17 9.97 10.99
C GLU B 358 7.05 11.46 11.29
N GLY B 359 6.28 11.76 12.34
CA GLY B 359 6.07 13.11 12.79
C GLY B 359 4.95 13.86 12.08
N GLU B 360 4.29 13.21 11.13
CA GLU B 360 3.20 13.84 10.37
C GLU B 360 1.89 13.62 11.13
N GLU B 361 1.24 14.72 11.48
CA GLU B 361 -0.06 14.68 12.12
C GLU B 361 -1.13 15.10 11.11
N ARG B 362 -2.27 14.40 11.12
CA ARG B 362 -3.36 14.66 10.19
C ARG B 362 -4.62 15.08 10.93
N CYS B 363 -5.39 15.93 10.28
CA CYS B 363 -6.64 16.44 10.83
C CYS B 363 -7.68 16.50 9.72
N LEU B 364 -8.84 15.90 9.98
CA LEU B 364 -9.96 15.88 9.06
C LEU B 364 -11.12 16.68 9.67
N VAL B 365 -11.65 17.61 8.90
CA VAL B 365 -12.85 18.36 9.27
C VAL B 365 -14.00 17.83 8.42
N PRO B 366 -15.12 17.43 9.01
CA PRO B 366 -16.23 16.92 8.19
C PRO B 366 -16.77 17.99 7.25
N SER B 367 -16.98 17.60 5.99
CA SER B 367 -17.71 18.45 5.05
C SER B 367 -19.18 18.46 5.44
N PRO B 368 -19.91 19.51 5.07
CA PRO B 368 -21.34 19.53 5.40
C PRO B 368 -22.11 18.47 4.64
N LYS B 369 -23.21 18.01 5.27
CA LYS B 369 -24.09 17.00 4.66
C LYS B 369 -25.26 17.74 4.00
N VAL B 370 -25.04 18.13 2.75
CA VAL B 370 -26.04 18.82 1.93
C VAL B 370 -26.06 18.12 0.58
N ALA B 371 -27.18 18.26 -0.15
CA ALA B 371 -27.32 17.55 -1.41
C ALA B 371 -26.23 17.97 -2.39
N THR B 372 -26.04 19.28 -2.54
CA THR B 372 -25.02 19.86 -3.40
C THR B 372 -24.40 21.05 -2.67
N TYR B 373 -23.13 21.35 -2.99
CA TYR B 373 -22.40 22.30 -2.16
C TYR B 373 -22.79 23.75 -2.40
N ASP B 374 -23.48 24.06 -3.50
CA ASP B 374 -24.04 25.40 -3.65
C ASP B 374 -25.05 25.72 -2.55
N LEU B 375 -25.60 24.69 -1.88
CA LEU B 375 -26.50 24.92 -0.74
C LEU B 375 -25.77 25.34 0.53
N GLN B 376 -24.46 25.10 0.63
CA GLN B 376 -23.66 25.61 1.75
C GLN B 376 -22.29 25.99 1.21
N PRO B 377 -22.20 27.11 0.48
CA PRO B 377 -20.97 27.41 -0.24
C PRO B 377 -19.76 27.63 0.65
N GLU B 378 -19.94 28.02 1.92
CA GLU B 378 -18.80 28.13 2.80
C GLU B 378 -18.21 26.78 3.17
N MET B 379 -18.90 25.69 2.82
CA MET B 379 -18.56 24.33 3.22
C MET B 379 -18.03 24.28 4.65
N SER B 380 -16.84 23.71 4.89
CA SER B 380 -16.29 23.65 6.25
C SER B 380 -14.99 24.44 6.38
N ALA B 381 -14.86 25.50 5.58
CA ALA B 381 -13.63 26.29 5.56
C ALA B 381 -13.33 26.90 6.92
N ALA B 382 -14.38 27.34 7.63
CA ALA B 382 -14.17 27.92 8.95
C ALA B 382 -13.53 26.92 9.91
N GLY B 383 -13.97 25.66 9.85
CA GLY B 383 -13.42 24.67 10.77
C GLY B 383 -12.00 24.28 10.42
N VAL B 384 -11.70 24.21 9.13
CA VAL B 384 -10.30 24.05 8.71
C VAL B 384 -9.46 25.20 9.29
N ALA B 385 -9.93 26.43 9.15
CA ALA B 385 -9.20 27.57 9.70
C ALA B 385 -8.98 27.40 11.20
N ASP B 386 -10.04 27.05 11.93
CA ASP B 386 -9.93 26.84 13.37
C ASP B 386 -8.83 25.85 13.72
N LYS B 387 -8.80 24.71 13.03
CA LYS B 387 -7.79 23.70 13.37
C LYS B 387 -6.38 24.18 13.03
N MET B 388 -6.24 25.00 11.99
CA MET B 388 -4.93 25.54 11.66
C MET B 388 -4.51 26.61 12.67
N ILE B 389 -5.45 27.46 13.08
CA ILE B 389 -5.12 28.48 14.08
C ILE B 389 -4.67 27.81 15.37
N GLU B 390 -5.31 26.68 15.74
CA GLU B 390 -4.92 25.98 16.95
C GLU B 390 -3.49 25.47 16.85
N GLN B 391 -3.09 25.03 15.67
CA GLN B 391 -1.72 24.56 15.49
C GLN B 391 -0.73 25.72 15.52
N LEU B 392 -1.14 26.88 15.00
CA LEU B 392 -0.27 28.05 15.05
C LEU B 392 -0.07 28.53 16.48
N GLU B 393 -1.12 28.54 17.29
CA GLU B 393 -0.99 28.94 18.69
C GLU B 393 -0.10 27.96 19.45
N ALA B 394 -0.25 26.66 19.18
CA ALA B 394 0.61 25.67 19.82
C ALA B 394 2.07 25.86 19.41
N GLY B 395 2.31 26.10 18.12
CA GLY B 395 3.69 26.20 17.65
C GLY B 395 4.42 24.88 17.54
N THR B 396 3.72 23.75 17.65
CA THR B 396 4.38 22.44 17.70
C THR B 396 5.10 22.13 16.40
N HIS B 397 4.46 22.38 15.25
CA HIS B 397 4.94 21.87 13.97
C HIS B 397 5.56 23.00 13.14
N PRO B 398 6.83 22.88 12.72
CA PRO B 398 7.44 23.96 11.92
C PRO B 398 6.85 24.09 10.52
N PHE B 399 6.16 23.07 10.02
CA PHE B 399 5.46 23.13 8.74
C PHE B 399 4.03 22.66 8.93
N ILE B 400 3.08 23.53 8.61
CA ILE B 400 1.68 23.18 8.60
C ILE B 400 1.09 23.54 7.26
N MET B 401 0.13 22.74 6.81
CA MET B 401 -0.49 22.94 5.52
C MET B 401 -1.96 22.55 5.61
N CYS B 402 -2.78 23.21 4.81
CA CYS B 402 -4.18 22.82 4.68
C CYS B 402 -4.65 23.07 3.25
N ASN B 403 -5.83 22.49 2.95
CA ASN B 403 -6.59 22.73 1.74
C ASN B 403 -7.87 23.47 2.09
N PHE B 404 -8.32 24.36 1.19
CA PHE B 404 -9.64 24.99 1.29
C PHE B 404 -10.45 24.55 0.09
N ALA B 405 -11.53 23.80 0.34
CA ALA B 405 -12.30 23.14 -0.71
C ALA B 405 -13.30 24.01 -1.48
N PRO B 406 -13.88 25.06 -0.89
CA PRO B 406 -15.08 25.68 -1.50
C PRO B 406 -14.91 26.11 -2.95
N PRO B 407 -13.84 26.82 -3.34
CA PRO B 407 -13.84 27.35 -4.72
C PRO B 407 -13.96 26.27 -5.77
N ASP B 408 -13.31 25.12 -5.55
CA ASP B 408 -13.39 24.04 -6.53
C ASP B 408 -14.74 23.34 -6.45
N MET B 409 -15.17 22.97 -5.24
CA MET B 409 -16.37 22.14 -5.11
C MET B 409 -17.64 22.92 -5.46
N VAL B 410 -17.72 24.17 -5.02
CA VAL B 410 -18.85 25.01 -5.42
C VAL B 410 -18.69 25.40 -6.88
N GLY B 411 -17.46 25.62 -7.34
CA GLY B 411 -17.23 25.87 -8.74
C GLY B 411 -17.83 24.80 -9.63
N HIS B 412 -17.73 23.53 -9.21
CA HIS B 412 -18.26 22.46 -10.05
C HIS B 412 -19.77 22.49 -10.16
N THR B 413 -20.47 23.17 -9.25
CA THR B 413 -21.92 23.27 -9.40
C THR B 413 -22.30 24.20 -10.53
N GLY B 414 -21.40 25.10 -10.93
CA GLY B 414 -21.66 26.07 -11.95
C GLY B 414 -22.55 27.22 -11.51
N VAL B 415 -22.89 27.30 -10.22
CA VAL B 415 -23.80 28.34 -9.74
C VAL B 415 -22.93 29.54 -9.36
N TYR B 416 -22.99 30.58 -10.19
CA TYR B 416 -22.04 31.69 -10.06
C TYR B 416 -22.14 32.36 -8.69
N GLU B 417 -23.36 32.70 -8.26
CA GLU B 417 -23.49 33.45 -7.01
C GLU B 417 -23.05 32.61 -5.82
N ALA B 418 -23.28 31.29 -5.87
CA ALA B 418 -22.75 30.40 -4.82
C ALA B 418 -21.24 30.39 -4.84
N ALA B 419 -20.64 30.32 -6.04
CA ALA B 419 -19.19 30.39 -6.14
C ALA B 419 -18.63 31.69 -5.56
N VAL B 420 -19.34 32.81 -5.70
CA VAL B 420 -18.86 34.06 -5.11
C VAL B 420 -18.78 33.91 -3.58
N LYS B 421 -19.84 33.36 -2.98
CA LYS B 421 -19.87 33.17 -1.53
C LYS B 421 -18.81 32.18 -1.08
N ALA B 422 -18.54 31.15 -1.88
CA ALA B 422 -17.47 30.21 -1.57
C ALA B 422 -16.12 30.93 -1.47
N CYS B 423 -15.83 31.81 -2.43
CA CYS B 423 -14.56 32.55 -2.41
C CYS B 423 -14.53 33.57 -1.28
N GLU B 424 -15.66 34.15 -0.92
CA GLU B 424 -15.67 35.08 0.20
C GLU B 424 -15.41 34.34 1.51
N ALA B 425 -16.02 33.17 1.68
CA ALA B 425 -15.80 32.38 2.89
C ALA B 425 -14.35 31.93 2.97
N THR B 426 -13.77 31.59 1.81
CA THR B 426 -12.37 31.17 1.76
C THR B 426 -11.45 32.33 2.11
N ASP B 427 -11.71 33.52 1.57
CA ASP B 427 -10.88 34.67 1.89
C ASP B 427 -10.90 34.97 3.39
N ILE B 428 -12.08 34.87 4.01
CA ILE B 428 -12.21 35.13 5.45
C ILE B 428 -11.33 34.16 6.24
N ALA B 429 -11.40 32.87 5.89
CA ALA B 429 -10.60 31.86 6.56
C ALA B 429 -9.12 32.15 6.39
N ILE B 430 -8.71 32.53 5.18
CA ILE B 430 -7.31 32.86 4.95
C ILE B 430 -6.86 34.03 5.82
N GLY B 431 -7.72 35.06 5.96
CA GLY B 431 -7.36 36.20 6.79
C GLY B 431 -7.15 35.83 8.25
N ARG B 432 -8.01 34.96 8.77
CA ARG B 432 -7.89 34.50 10.16
C ARG B 432 -6.59 33.70 10.33
N ILE B 433 -6.29 32.80 9.39
CA ILE B 433 -5.00 32.12 9.46
C ILE B 433 -3.87 33.14 9.36
N TYR B 434 -3.98 34.10 8.44
CA TYR B 434 -2.90 35.06 8.28
C TYR B 434 -2.64 35.82 9.58
N GLU B 435 -3.69 36.24 10.28
CA GLU B 435 -3.48 37.02 11.50
C GLU B 435 -2.80 36.18 12.57
N ALA B 436 -3.17 34.91 12.69
CA ALA B 436 -2.50 34.02 13.63
C ALA B 436 -1.05 33.74 13.23
N THR B 437 -0.73 33.66 11.94
CA THR B 437 0.68 33.45 11.57
C THR B 437 1.53 34.62 12.06
N GLN B 438 1.01 35.85 11.95
CA GLN B 438 1.77 37.00 12.37
C GLN B 438 1.87 37.08 13.89
N LYS B 439 0.84 36.67 14.60
CA LYS B 439 0.88 36.64 16.05
C LYS B 439 1.80 35.54 16.56
N HIS B 440 1.94 34.45 15.82
CA HIS B 440 2.62 33.26 16.34
C HIS B 440 3.92 32.91 15.62
N GLY B 441 4.42 33.77 14.75
CA GLY B 441 5.76 33.61 14.24
C GLY B 441 5.92 32.63 13.11
N TYR B 442 4.92 32.48 12.27
CA TYR B 442 4.99 31.68 11.06
C TYR B 442 4.97 32.60 9.84
N SER B 443 5.65 32.18 8.79
CA SER B 443 5.52 32.80 7.49
C SER B 443 4.40 32.11 6.72
N LEU B 444 3.56 32.90 6.06
CA LEU B 444 2.41 32.36 5.37
C LEU B 444 2.68 32.34 3.88
N MET B 445 2.45 31.18 3.26
CA MET B 445 2.47 31.05 1.80
C MET B 445 1.10 30.53 1.37
N VAL B 446 0.47 31.22 0.42
CA VAL B 446 -0.81 30.79 -0.12
C VAL B 446 -0.61 30.41 -1.59
N THR B 447 -1.14 29.25 -1.98
CA THR B 447 -1.12 28.85 -3.38
C THR B 447 -2.45 28.20 -3.72
N ALA B 448 -2.52 27.63 -4.92
CA ALA B 448 -3.65 26.82 -5.32
C ALA B 448 -3.16 25.64 -6.15
N ASP B 449 -4.03 24.65 -6.31
CA ASP B 449 -3.67 23.43 -7.02
C ASP B 449 -3.99 23.47 -8.51
N HIS B 450 -4.80 24.44 -8.94
CA HIS B 450 -5.32 24.65 -10.30
C HIS B 450 -6.45 25.66 -10.15
N GLY B 451 -6.86 26.29 -11.26
CA GLY B 451 -8.01 27.18 -11.23
C GLY B 451 -9.36 26.47 -11.42
N ASN B 452 -10.43 27.24 -11.15
CA ASN B 452 -11.80 26.80 -11.34
C ASN B 452 -12.75 28.00 -11.21
N ALA B 453 -12.81 28.58 -10.00
CA ALA B 453 -13.86 29.56 -9.68
C ALA B 453 -13.67 30.90 -10.39
N GLU B 454 -12.50 31.15 -10.97
CA GLU B 454 -12.29 32.37 -11.72
C GLU B 454 -12.95 32.34 -13.09
N LYS B 455 -13.55 31.22 -13.46
CA LYS B 455 -14.22 31.10 -14.75
C LYS B 455 -15.51 30.28 -14.54
N MET B 456 -16.58 30.96 -14.11
CA MET B 456 -17.85 30.31 -13.88
C MET B 456 -18.80 30.36 -15.06
N LYS B 457 -18.50 31.13 -16.11
CA LYS B 457 -19.42 31.32 -17.22
C LYS B 457 -18.69 31.07 -18.52
N ALA B 458 -19.32 30.30 -19.41
CA ALA B 458 -18.83 30.18 -20.77
C ALA B 458 -19.13 31.48 -21.52
N PRO B 459 -18.60 31.63 -22.72
CA PRO B 459 -18.79 32.91 -23.43
C PRO B 459 -20.26 33.22 -23.73
N ASP B 460 -21.11 32.20 -23.85
CA ASP B 460 -22.53 32.41 -24.08
C ASP B 460 -23.31 32.69 -22.80
N GLY B 461 -22.61 32.85 -21.66
CA GLY B 461 -23.24 33.14 -20.40
C GLY B 461 -23.74 31.94 -19.63
N GLY B 462 -23.65 30.74 -20.19
CA GLY B 462 -24.00 29.53 -19.48
C GLY B 462 -22.92 29.10 -18.50
N LYS B 463 -23.20 27.98 -17.81
CA LYS B 463 -22.33 27.50 -16.74
C LYS B 463 -21.01 26.96 -17.29
N HIS B 464 -19.93 27.23 -16.55
CA HIS B 464 -18.64 26.56 -16.72
C HIS B 464 -18.35 25.83 -15.42
N THR B 465 -18.37 24.50 -15.46
CA THR B 465 -18.22 23.67 -14.27
C THR B 465 -16.85 23.01 -14.16
N ALA B 466 -15.87 23.40 -14.99
CA ALA B 466 -14.63 22.66 -15.09
C ALA B 466 -13.47 23.43 -14.46
N HIS B 467 -12.37 22.70 -14.22
CA HIS B 467 -11.09 23.34 -13.89
C HIS B 467 -10.60 24.12 -15.11
N THR B 468 -9.55 24.91 -14.91
CA THR B 468 -9.04 25.81 -15.94
C THR B 468 -7.54 25.60 -16.15
N CYS B 469 -7.00 26.35 -17.11
CA CYS B 469 -5.56 26.40 -17.39
C CYS B 469 -4.89 27.69 -16.90
N TYR B 470 -5.57 28.46 -16.05
CA TYR B 470 -4.95 29.68 -15.57
C TYR B 470 -3.84 29.39 -14.57
N ARG B 471 -2.99 30.39 -14.37
CA ARG B 471 -1.97 30.29 -13.33
C ARG B 471 -2.64 30.36 -11.96
N VAL B 472 -1.91 29.93 -10.94
CA VAL B 472 -2.36 30.03 -9.56
C VAL B 472 -1.40 30.96 -8.83
N PRO B 473 -1.86 31.58 -7.74
CA PRO B 473 -0.97 32.44 -6.96
C PRO B 473 0.04 31.62 -6.18
N LEU B 474 1.16 32.27 -5.86
CA LEU B 474 2.02 31.87 -4.76
C LEU B 474 2.42 33.14 -4.01
N THR B 475 2.00 33.25 -2.76
CA THR B 475 2.27 34.42 -1.91
C THR B 475 3.28 34.07 -0.84
N LEU B 476 3.80 35.10 -0.17
CA LEU B 476 4.79 34.92 0.89
C LEU B 476 4.80 36.16 1.78
N SER B 477 4.43 36.00 3.03
CA SER B 477 4.38 37.12 3.96
C SER B 477 5.77 37.55 4.46
N HIS B 478 6.81 36.77 4.24
CA HIS B 478 8.11 37.06 4.82
C HIS B 478 8.79 38.16 4.03
N PRO B 479 9.12 39.31 4.64
CA PRO B 479 9.68 40.43 3.87
C PRO B 479 11.12 40.23 3.43
N GLY B 480 11.82 39.24 3.96
CA GLY B 480 13.23 39.00 3.66
C GLY B 480 13.52 38.20 2.41
N PHE B 481 12.53 37.89 1.59
CA PHE B 481 12.73 37.13 0.36
C PHE B 481 11.98 37.81 -0.76
N LYS B 482 12.49 37.68 -1.99
CA LYS B 482 11.76 38.15 -3.17
C LYS B 482 11.62 37.03 -4.19
N PHE B 483 10.47 36.96 -4.85
CA PHE B 483 10.25 35.96 -5.89
C PHE B 483 11.08 36.28 -7.13
N VAL B 484 11.69 35.23 -7.68
CA VAL B 484 12.42 35.28 -8.95
C VAL B 484 11.96 34.11 -9.81
N ASP B 485 12.00 34.27 -11.12
CA ASP B 485 11.58 33.17 -11.99
C ASP B 485 12.71 32.17 -12.21
N PRO B 486 12.38 30.94 -12.60
CA PRO B 486 13.44 30.02 -13.02
C PRO B 486 14.06 30.55 -14.30
N ALA B 487 15.27 30.06 -14.58
CA ALA B 487 16.04 30.54 -15.72
C ALA B 487 15.34 30.22 -17.04
N ASP B 488 14.83 29.00 -17.19
CA ASP B 488 14.54 28.42 -18.50
C ASP B 488 13.07 28.12 -18.72
N ARG B 489 12.19 28.46 -17.78
CA ARG B 489 10.81 28.02 -17.88
C ARG B 489 9.98 28.86 -16.94
N HIS B 490 8.68 28.83 -17.14
CA HIS B 490 7.77 29.44 -16.20
C HIS B 490 7.84 28.71 -14.86
N PRO B 491 7.63 29.41 -13.76
CA PRO B 491 7.44 28.74 -12.48
C PRO B 491 6.19 27.86 -12.48
N ALA B 492 6.22 26.80 -11.69
CA ALA B 492 5.15 25.81 -11.67
C ALA B 492 4.99 25.22 -10.27
N LEU B 493 3.99 24.34 -10.13
CA LEU B 493 3.71 23.73 -8.83
C LEU B 493 4.90 22.96 -8.30
N CYS B 494 5.73 22.41 -9.19
CA CYS B 494 6.93 21.69 -8.78
C CYS B 494 7.90 22.59 -8.01
N ASP B 495 7.74 23.91 -8.08
CA ASP B 495 8.65 24.82 -7.39
C ASP B 495 8.18 25.19 -5.99
N VAL B 496 6.97 24.80 -5.60
CA VAL B 496 6.46 25.20 -4.28
C VAL B 496 7.27 24.57 -3.16
N ALA B 497 7.49 23.25 -3.21
CA ALA B 497 8.13 22.61 -2.07
C ALA B 497 9.60 23.02 -1.96
N PRO B 498 10.34 23.09 -3.08
CA PRO B 498 11.68 23.70 -3.00
C PRO B 498 11.68 25.09 -2.38
N THR B 499 10.68 25.90 -2.71
CA THR B 499 10.63 27.26 -2.15
C THR B 499 10.36 27.21 -0.66
N VAL B 500 9.42 26.33 -0.25
CA VAL B 500 9.17 26.14 1.18
C VAL B 500 10.45 25.81 1.91
N LEU B 501 11.23 24.86 1.38
CA LEU B 501 12.41 24.43 2.11
C LEU B 501 13.43 25.56 2.23
N ALA B 502 13.63 26.30 1.15
CA ALA B 502 14.55 27.45 1.20
C ALA B 502 14.16 28.40 2.31
N ILE B 503 12.86 28.71 2.41
CA ILE B 503 12.39 29.61 3.45
C ILE B 503 12.61 28.99 4.82
N MET B 504 12.33 27.69 4.96
CA MET B 504 12.54 27.04 6.24
C MET B 504 14.02 26.94 6.62
N GLY B 505 14.93 27.14 5.66
CA GLY B 505 16.33 26.92 5.93
C GLY B 505 16.75 25.48 5.97
N LEU B 506 16.08 24.63 5.21
CA LEU B 506 16.44 23.23 5.15
C LEU B 506 17.07 22.92 3.81
N PRO B 507 17.83 21.82 3.70
CA PRO B 507 18.37 21.42 2.40
C PRO B 507 17.28 20.86 1.52
N GLN B 508 17.53 20.91 0.22
CA GLN B 508 16.64 20.35 -0.80
C GLN B 508 17.16 18.99 -1.25
N PRO B 509 16.35 17.93 -1.26
CA PRO B 509 16.86 16.64 -1.72
C PRO B 509 17.10 16.64 -3.23
N ALA B 510 18.10 15.87 -3.64
CA ALA B 510 18.42 15.75 -5.06
C ALA B 510 17.20 15.37 -5.90
N GLU B 511 16.29 14.56 -5.34
CA GLU B 511 15.11 14.10 -6.07
C GLU B 511 14.12 15.24 -6.40
N MET B 512 14.18 16.38 -5.70
CA MET B 512 13.33 17.51 -6.03
C MET B 512 14.04 18.30 -7.12
N THR B 513 13.62 18.09 -8.36
CA THR B 513 14.18 18.76 -9.52
C THR B 513 13.46 20.06 -9.85
N GLY B 514 12.43 20.42 -9.11
CA GLY B 514 12.00 21.80 -9.07
C GLY B 514 13.07 22.70 -8.49
N VAL B 515 12.81 24.00 -8.52
CA VAL B 515 13.76 24.97 -7.98
C VAL B 515 13.03 25.92 -7.06
N SER B 516 13.74 26.39 -6.02
CA SER B 516 13.22 27.50 -5.24
C SER B 516 13.12 28.72 -6.13
N ILE B 517 12.00 29.44 -6.01
CA ILE B 517 11.79 30.64 -6.80
C ILE B 517 11.76 31.88 -5.91
N VAL B 518 12.50 31.84 -4.80
CA VAL B 518 12.79 33.03 -4.00
C VAL B 518 14.30 33.19 -3.87
N GLN B 519 14.73 34.43 -3.66
CA GLN B 519 16.09 34.76 -3.23
C GLN B 519 16.03 35.63 -1.98
N LYS B 520 16.97 35.41 -1.06
CA LYS B 520 17.10 36.26 0.13
C LYS B 520 17.46 37.69 -0.27
N ILE B 521 16.82 38.66 0.36
CA ILE B 521 17.05 40.06 0.08
C ILE B 521 18.29 40.56 0.84
N ASP C 3 -3.26 -6.05 7.44
CA ASP C 3 -3.17 -4.63 7.11
C ASP C 3 -1.86 -3.99 7.54
N TYR C 4 -1.28 -4.47 8.64
CA TYR C 4 0.01 -3.99 9.11
C TYR C 4 0.77 -5.13 9.78
N PRO C 5 2.10 -5.08 9.76
CA PRO C 5 2.87 -6.15 10.42
C PRO C 5 2.59 -6.20 11.92
N GLY C 6 2.27 -7.39 12.41
CA GLY C 6 1.91 -7.55 13.81
C GLY C 6 0.42 -7.51 14.12
N ASP C 7 -0.45 -7.28 13.14
CA ASP C 7 -1.88 -7.30 13.43
C ASP C 7 -2.39 -8.73 13.69
N TYR C 8 -3.68 -8.81 14.02
CA TYR C 8 -4.27 -10.04 14.51
C TYR C 8 -4.15 -11.21 13.52
N CYS C 9 -4.17 -10.94 12.20
CA CYS C 9 -4.11 -12.07 11.26
C CYS C 9 -2.80 -12.86 11.36
N TYR C 10 -1.72 -12.23 11.83
CA TYR C 10 -0.44 -12.89 11.99
C TYR C 10 -0.45 -13.95 13.09
N LEU C 11 -1.50 -14.01 13.87
CA LEU C 11 -1.66 -15.08 14.85
C LEU C 11 -1.93 -16.41 14.16
N TYR C 12 -2.34 -16.39 12.88
CA TYR C 12 -2.61 -17.63 12.17
C TYR C 12 -1.94 -17.69 10.80
N ASP D 3 -4.00 4.09 -8.99
CA ASP D 3 -3.13 3.02 -8.48
C ASP D 3 -1.69 3.44 -8.34
N TYR D 4 -1.18 4.26 -9.25
CA TYR D 4 0.20 4.72 -9.14
C TYR D 4 0.29 6.14 -9.68
N PRO D 5 1.26 6.93 -9.19
CA PRO D 5 1.39 8.31 -9.67
C PRO D 5 1.67 8.36 -11.16
N GLY D 6 0.89 9.16 -11.88
CA GLY D 6 1.02 9.25 -13.33
C GLY D 6 0.08 8.37 -14.12
N ASP D 7 -0.74 7.54 -13.47
CA ASP D 7 -1.63 6.68 -14.22
C ASP D 7 -2.80 7.49 -14.80
N TYR D 8 -3.65 6.79 -15.56
CA TYR D 8 -4.66 7.43 -16.39
C TYR D 8 -5.64 8.27 -15.58
N CYS D 9 -5.89 7.92 -14.34
CA CYS D 9 -6.85 8.70 -13.54
C CYS D 9 -6.37 10.12 -13.30
N TYR D 10 -5.06 10.35 -13.32
CA TYR D 10 -4.52 11.69 -13.12
C TYR D 10 -4.83 12.64 -14.26
N LEU D 11 -5.41 12.16 -15.35
CA LEU D 11 -5.80 13.03 -16.44
C LEU D 11 -7.04 13.83 -16.09
N TYR D 12 -7.80 13.40 -15.08
CA TYR D 12 -8.96 14.17 -14.62
C TYR D 12 -8.96 14.40 -13.10
#